data_4Z0O
# 
_entry.id   4Z0O 
# 
_audit_conform.dict_name       mmcif_pdbx.dic 
_audit_conform.dict_version    5.379 
_audit_conform.dict_location   http://mmcif.pdb.org/dictionaries/ascii/mmcif_pdbx.dic 
# 
loop_
_database_2.database_id 
_database_2.database_code 
_database_2.pdbx_database_accession 
_database_2.pdbx_DOI 
PDB   4Z0O         pdb_00004z0o 10.2210/pdb4z0o/pdb 
WWPDB D_1000208410 ?            ?                   
# 
_pdbx_database_related.content_type   unspecified 
_pdbx_database_related.db_id          4Z0R 
_pdbx_database_related.db_name        PDB 
_pdbx_database_related.details        . 
# 
_pdbx_database_status.status_code                     REL 
_pdbx_database_status.status_code_sf                  REL 
_pdbx_database_status.status_code_mr                  ? 
_pdbx_database_status.entry_id                        4Z0O 
_pdbx_database_status.recvd_initial_deposition_date   2015-03-26 
_pdbx_database_status.SG_entry                        Y 
_pdbx_database_status.deposit_site                    RCSB 
_pdbx_database_status.process_site                    RCSB 
_pdbx_database_status.status_code_cs                  ? 
_pdbx_database_status.methods_development_category    ? 
_pdbx_database_status.pdb_format_compatible           Y 
_pdbx_database_status.status_code_nmr_data            ? 
# 
loop_
_audit_author.name 
_audit_author.pdbx_ordinal 
'Liu, Y.'                              1 
'Tempel, W.'                           2 
'Bountra, C.'                          3 
'Arrowsmith, C.H.'                     4 
'Edwards, A.M.'                        5 
'Min, J.'                              6 
'Structural Genomics Consortium (SGC)' 7 
# 
_citation.abstract                  ? 
_citation.abstract_id_CAS           ? 
_citation.book_id_ISBN              ? 
_citation.book_publisher            ? 
_citation.book_publisher_city       ? 
_citation.book_title                ? 
_citation.coordinate_linkage        ? 
_citation.country                   ? 
_citation.database_id_Medline       ? 
_citation.details                   ? 
_citation.id                        primary 
_citation.journal_abbrev            'To be Published' 
_citation.journal_id_ASTM           ? 
_citation.journal_id_CSD            0353 
_citation.journal_id_ISSN           ? 
_citation.journal_full              ? 
_citation.journal_issue             ? 
_citation.journal_volume            ? 
_citation.language                  ? 
_citation.page_first                ? 
_citation.page_last                 ? 
_citation.title                     'CW-type zinc finger of ZCWPW2 with F78D mutation' 
_citation.year                      ? 
_citation.database_id_CSD           ? 
_citation.pdbx_database_id_DOI      ? 
_citation.pdbx_database_id_PubMed   ? 
_citation.unpublished_flag          ? 
# 
loop_
_citation_author.citation_id 
_citation_author.name 
_citation_author.ordinal 
_citation_author.identifier_ORCID 
primary 'Liu, Y.'          1 ? 
primary 'Tempel, W.'       2 ? 
primary 'Bountra, C.'      3 ? 
primary 'Arrowsmith, C.H.' 4 ? 
primary 'Edwards, A.M.'    5 ? 
primary 'Min, J.'          6 ? 
# 
_cell.angle_alpha                  90.000 
_cell.angle_alpha_esd              ? 
_cell.angle_beta                   90.000 
_cell.angle_beta_esd               ? 
_cell.angle_gamma                  120.000 
_cell.angle_gamma_esd              ? 
_cell.entry_id                     4Z0O 
_cell.details                      ? 
_cell.formula_units_Z              ? 
_cell.length_a                     47.569 
_cell.length_a_esd                 ? 
_cell.length_b                     47.569 
_cell.length_b_esd                 ? 
_cell.length_c                     48.960 
_cell.length_c_esd                 ? 
_cell.volume                       ? 
_cell.volume_esd                   ? 
_cell.Z_PDB                        6 
_cell.reciprocal_angle_alpha       ? 
_cell.reciprocal_angle_beta        ? 
_cell.reciprocal_angle_gamma       ? 
_cell.reciprocal_angle_alpha_esd   ? 
_cell.reciprocal_angle_beta_esd    ? 
_cell.reciprocal_angle_gamma_esd   ? 
_cell.reciprocal_length_a          ? 
_cell.reciprocal_length_b          ? 
_cell.reciprocal_length_c          ? 
_cell.reciprocal_length_a_esd      ? 
_cell.reciprocal_length_b_esd      ? 
_cell.reciprocal_length_c_esd      ? 
_cell.pdbx_unique_axis             ? 
# 
_symmetry.entry_id                         4Z0O 
_symmetry.cell_setting                     ? 
_symmetry.Int_Tables_number                150 
_symmetry.space_group_name_Hall            ? 
_symmetry.space_group_name_H-M             'P 3 2 1' 
_symmetry.pdbx_full_space_group_name_H-M   ? 
# 
loop_
_entity.id 
_entity.type 
_entity.src_method 
_entity.pdbx_description 
_entity.formula_weight 
_entity.pdbx_number_of_molecules 
_entity.pdbx_ec 
_entity.pdbx_mutation 
_entity.pdbx_fragment 
_entity.details 
1 polymer     man 'Zinc finger CW-type PWWP domain protein 2' 7046.648 1  ? F78D 'CW domain (UNP residues 21-78)' ? 
2 non-polymer syn 'ZINC ION'                                  65.409   1  ? ?    ?                                ? 
3 non-polymer syn 'SODIUM ION'                                22.990   1  ? ?    ?                                ? 
4 non-polymer syn 'UNKNOWN ATOM OR ION'                       ?        9  ? ?    ?                                ? 
5 water       nat water                                       18.015   57 ? ?    ?                                ? 
# 
_entity_name_com.entity_id   1 
_entity_name_com.name        zcwpw2 
# 
_entity_poly.entity_id                      1 
_entity_poly.type                           'polypeptide(L)' 
_entity_poly.nstd_linkage                   no 
_entity_poly.nstd_monomer                   no 
_entity_poly.pdbx_seq_one_letter_code       GVENMYVNKVWVQCENENCLKWRLLSSEDSAKVDHDEPWYCFMNTDSRYNNCSISEEDD 
_entity_poly.pdbx_seq_one_letter_code_can   GVENMYVNKVWVQCENENCLKWRLLSSEDSAKVDHDEPWYCFMNTDSRYNNCSISEEDD 
_entity_poly.pdbx_strand_id                 A 
_entity_poly.pdbx_target_identifier         ? 
# 
loop_
_entity_poly_seq.entity_id 
_entity_poly_seq.num 
_entity_poly_seq.mon_id 
_entity_poly_seq.hetero 
1 1  GLY n 
1 2  VAL n 
1 3  GLU n 
1 4  ASN n 
1 5  MET n 
1 6  TYR n 
1 7  VAL n 
1 8  ASN n 
1 9  LYS n 
1 10 VAL n 
1 11 TRP n 
1 12 VAL n 
1 13 GLN n 
1 14 CYS n 
1 15 GLU n 
1 16 ASN n 
1 17 GLU n 
1 18 ASN n 
1 19 CYS n 
1 20 LEU n 
1 21 LYS n 
1 22 TRP n 
1 23 ARG n 
1 24 LEU n 
1 25 LEU n 
1 26 SER n 
1 27 SER n 
1 28 GLU n 
1 29 ASP n 
1 30 SER n 
1 31 ALA n 
1 32 LYS n 
1 33 VAL n 
1 34 ASP n 
1 35 HIS n 
1 36 ASP n 
1 37 GLU n 
1 38 PRO n 
1 39 TRP n 
1 40 TYR n 
1 41 CYS n 
1 42 PHE n 
1 43 MET n 
1 44 ASN n 
1 45 THR n 
1 46 ASP n 
1 47 SER n 
1 48 ARG n 
1 49 TYR n 
1 50 ASN n 
1 51 ASN n 
1 52 CYS n 
1 53 SER n 
1 54 ILE n 
1 55 SER n 
1 56 GLU n 
1 57 GLU n 
1 58 ASP n 
1 59 ASP n 
# 
_entity_src_gen.entity_id                          1 
_entity_src_gen.pdbx_src_id                        1 
_entity_src_gen.pdbx_alt_source_flag               sample 
_entity_src_gen.pdbx_seq_type                      'Biological sequence' 
_entity_src_gen.pdbx_beg_seq_num                   1 
_entity_src_gen.pdbx_end_seq_num                   59 
_entity_src_gen.gene_src_common_name               Human 
_entity_src_gen.gene_src_genus                     ? 
_entity_src_gen.pdbx_gene_src_gene                 ZCWPW2 
_entity_src_gen.gene_src_species                   ? 
_entity_src_gen.gene_src_strain                    ? 
_entity_src_gen.gene_src_tissue                    ? 
_entity_src_gen.gene_src_tissue_fraction           ? 
_entity_src_gen.gene_src_details                   ? 
_entity_src_gen.pdbx_gene_src_fragment             ? 
_entity_src_gen.pdbx_gene_src_scientific_name      'Homo sapiens' 
_entity_src_gen.pdbx_gene_src_ncbi_taxonomy_id     9606 
_entity_src_gen.pdbx_gene_src_variant              ? 
_entity_src_gen.pdbx_gene_src_cell_line            ? 
_entity_src_gen.pdbx_gene_src_atcc                 ? 
_entity_src_gen.pdbx_gene_src_organ                ? 
_entity_src_gen.pdbx_gene_src_organelle            ? 
_entity_src_gen.pdbx_gene_src_cell                 ? 
_entity_src_gen.pdbx_gene_src_cellular_location    ? 
_entity_src_gen.host_org_common_name               ? 
_entity_src_gen.pdbx_host_org_scientific_name      'Escherichia coli BL21(DE3)' 
_entity_src_gen.pdbx_host_org_ncbi_taxonomy_id     469008 
_entity_src_gen.host_org_genus                     ? 
_entity_src_gen.pdbx_host_org_gene                 ? 
_entity_src_gen.pdbx_host_org_organ                ? 
_entity_src_gen.host_org_species                   ? 
_entity_src_gen.pdbx_host_org_tissue               ? 
_entity_src_gen.pdbx_host_org_tissue_fraction      ? 
_entity_src_gen.pdbx_host_org_strain               'BL21(DE3)-V2R-pRARE2' 
_entity_src_gen.pdbx_host_org_variant              ? 
_entity_src_gen.pdbx_host_org_cell_line            ? 
_entity_src_gen.pdbx_host_org_atcc                 ? 
_entity_src_gen.pdbx_host_org_culture_collection   ? 
_entity_src_gen.pdbx_host_org_cell                 ? 
_entity_src_gen.pdbx_host_org_organelle            ? 
_entity_src_gen.pdbx_host_org_cellular_location    ? 
_entity_src_gen.pdbx_host_org_vector_type          plasmid 
_entity_src_gen.pdbx_host_org_vector               ? 
_entity_src_gen.host_org_details                   ? 
_entity_src_gen.expression_system_id               ? 
_entity_src_gen.plasmid_name                       pET28-MHL 
_entity_src_gen.plasmid_details                    ? 
_entity_src_gen.pdbx_description                   ? 
# 
_struct_ref.id                         1 
_struct_ref.db_name                    UNP 
_struct_ref.db_code                    ZCPW2_HUMAN 
_struct_ref.pdbx_db_accession          Q504Y3 
_struct_ref.pdbx_db_isoform            ? 
_struct_ref.entity_id                  1 
_struct_ref.pdbx_seq_one_letter_code   VENMYVNKVWVQCENENCLKWRLLSSEDSAKVDHDEPWYCFMNTDSRYNNCSISEEDF 
_struct_ref.pdbx_align_begin           21 
# 
_struct_ref_seq.align_id                      1 
_struct_ref_seq.ref_id                        1 
_struct_ref_seq.pdbx_PDB_id_code              4Z0O 
_struct_ref_seq.pdbx_strand_id                A 
_struct_ref_seq.seq_align_beg                 2 
_struct_ref_seq.pdbx_seq_align_beg_ins_code   ? 
_struct_ref_seq.seq_align_end                 59 
_struct_ref_seq.pdbx_seq_align_end_ins_code   ? 
_struct_ref_seq.pdbx_db_accession             Q504Y3 
_struct_ref_seq.db_align_beg                  21 
_struct_ref_seq.pdbx_db_align_beg_ins_code    ? 
_struct_ref_seq.db_align_end                  78 
_struct_ref_seq.pdbx_db_align_end_ins_code    ? 
_struct_ref_seq.pdbx_auth_seq_align_beg       21 
_struct_ref_seq.pdbx_auth_seq_align_end       78 
# 
loop_
_struct_ref_seq_dif.align_id 
_struct_ref_seq_dif.pdbx_pdb_id_code 
_struct_ref_seq_dif.mon_id 
_struct_ref_seq_dif.pdbx_pdb_strand_id 
_struct_ref_seq_dif.seq_num 
_struct_ref_seq_dif.pdbx_pdb_ins_code 
_struct_ref_seq_dif.pdbx_seq_db_name 
_struct_ref_seq_dif.pdbx_seq_db_accession_code 
_struct_ref_seq_dif.db_mon_id 
_struct_ref_seq_dif.pdbx_seq_db_seq_num 
_struct_ref_seq_dif.details 
_struct_ref_seq_dif.pdbx_auth_seq_num 
_struct_ref_seq_dif.pdbx_ordinal 
1 4Z0O GLY A 1  ? UNP Q504Y3 ?   ?  'expression tag'      20 1 
1 4Z0O ASP A 59 ? UNP Q504Y3 PHE 78 'engineered mutation' 78 2 
# 
loop_
_chem_comp.id 
_chem_comp.type 
_chem_comp.mon_nstd_flag 
_chem_comp.name 
_chem_comp.pdbx_synonyms 
_chem_comp.formula 
_chem_comp.formula_weight 
ALA 'L-peptide linking' y ALANINE               ? 'C3 H7 N O2'     89.093  
ARG 'L-peptide linking' y ARGININE              ? 'C6 H15 N4 O2 1' 175.209 
ASN 'L-peptide linking' y ASPARAGINE            ? 'C4 H8 N2 O3'    132.118 
ASP 'L-peptide linking' y 'ASPARTIC ACID'       ? 'C4 H7 N O4'     133.103 
CYS 'L-peptide linking' y CYSTEINE              ? 'C3 H7 N O2 S'   121.158 
GLN 'L-peptide linking' y GLUTAMINE             ? 'C5 H10 N2 O3'   146.144 
GLU 'L-peptide linking' y 'GLUTAMIC ACID'       ? 'C5 H9 N O4'     147.129 
GLY 'peptide linking'   y GLYCINE               ? 'C2 H5 N O2'     75.067  
HIS 'L-peptide linking' y HISTIDINE             ? 'C6 H10 N3 O2 1' 156.162 
HOH non-polymer         . WATER                 ? 'H2 O'           18.015  
ILE 'L-peptide linking' y ISOLEUCINE            ? 'C6 H13 N O2'    131.173 
LEU 'L-peptide linking' y LEUCINE               ? 'C6 H13 N O2'    131.173 
LYS 'L-peptide linking' y LYSINE                ? 'C6 H15 N2 O2 1' 147.195 
MET 'L-peptide linking' y METHIONINE            ? 'C5 H11 N O2 S'  149.211 
NA  non-polymer         . 'SODIUM ION'          ? 'Na 1'           22.990  
PHE 'L-peptide linking' y PHENYLALANINE         ? 'C9 H11 N O2'    165.189 
PRO 'L-peptide linking' y PROLINE               ? 'C5 H9 N O2'     115.130 
SER 'L-peptide linking' y SERINE                ? 'C3 H7 N O3'     105.093 
THR 'L-peptide linking' y THREONINE             ? 'C4 H9 N O3'     119.119 
TRP 'L-peptide linking' y TRYPTOPHAN            ? 'C11 H12 N2 O2'  204.225 
TYR 'L-peptide linking' y TYROSINE              ? 'C9 H11 N O3'    181.189 
UNX non-polymer         . 'UNKNOWN ATOM OR ION' ? ?                ?       
VAL 'L-peptide linking' y VALINE                ? 'C5 H11 N O2'    117.146 
ZN  non-polymer         . 'ZINC ION'            ? 'Zn 2'           65.409  
# 
_exptl.absorpt_coefficient_mu     ? 
_exptl.absorpt_correction_T_max   ? 
_exptl.absorpt_correction_T_min   ? 
_exptl.absorpt_correction_type    ? 
_exptl.absorpt_process_details    ? 
_exptl.entry_id                   4Z0O 
_exptl.crystals_number            1 
_exptl.details                    ? 
_exptl.method                     'X-RAY DIFFRACTION' 
_exptl.method_details             ? 
# 
_exptl_crystal.colour                      ? 
_exptl_crystal.density_diffrn              ? 
_exptl_crystal.density_Matthews            2.27 
_exptl_crystal.density_method              ? 
_exptl_crystal.density_percent_sol         45.80 
_exptl_crystal.description                 ? 
_exptl_crystal.F_000                       ? 
_exptl_crystal.id                          1 
_exptl_crystal.preparation                 ? 
_exptl_crystal.size_max                    ? 
_exptl_crystal.size_mid                    ? 
_exptl_crystal.size_min                    ? 
_exptl_crystal.size_rad                    ? 
_exptl_crystal.colour_lustre               ? 
_exptl_crystal.colour_modifier             ? 
_exptl_crystal.colour_primary              ? 
_exptl_crystal.density_meas                ? 
_exptl_crystal.density_meas_esd            ? 
_exptl_crystal.density_meas_gt             ? 
_exptl_crystal.density_meas_lt             ? 
_exptl_crystal.density_meas_temp           ? 
_exptl_crystal.density_meas_temp_esd       ? 
_exptl_crystal.density_meas_temp_gt        ? 
_exptl_crystal.density_meas_temp_lt        ? 
_exptl_crystal.pdbx_crystal_image_url      ? 
_exptl_crystal.pdbx_crystal_image_format   ? 
_exptl_crystal.pdbx_mosaicity              ? 
_exptl_crystal.pdbx_mosaicity_esd          ? 
# 
_exptl_crystal_grow.apparatus       ? 
_exptl_crystal_grow.atmosphere      ? 
_exptl_crystal_grow.crystal_id      1 
_exptl_crystal_grow.details         ? 
_exptl_crystal_grow.method          'VAPOR DIFFUSION, SITTING DROP' 
_exptl_crystal_grow.method_ref      ? 
_exptl_crystal_grow.pH              7.5 
_exptl_crystal_grow.pressure        ? 
_exptl_crystal_grow.pressure_esd    ? 
_exptl_crystal_grow.seeding         ? 
_exptl_crystal_grow.seeding_ref     ? 
_exptl_crystal_grow.temp            293 
_exptl_crystal_grow.temp_details    ? 
_exptl_crystal_grow.temp_esd        ? 
_exptl_crystal_grow.time            ? 
_exptl_crystal_grow.pdbx_details    '2 M ammonium sulfate, 2% PEG400, 0.1 M HEPES sodium' 
_exptl_crystal_grow.pdbx_pH_range   ? 
# 
_diffrn.ambient_environment    ? 
_diffrn.ambient_temp           100 
_diffrn.ambient_temp_details   ? 
_diffrn.ambient_temp_esd       ? 
_diffrn.crystal_id             1 
_diffrn.crystal_support        ? 
_diffrn.crystal_treatment      ? 
_diffrn.details                ? 
_diffrn.id                     1 
_diffrn.ambient_pressure       ? 
_diffrn.ambient_pressure_esd   ? 
_diffrn.ambient_pressure_gt    ? 
_diffrn.ambient_pressure_lt    ? 
_diffrn.ambient_temp_gt        ? 
_diffrn.ambient_temp_lt        ? 
# 
_diffrn_detector.details                      ? 
_diffrn_detector.detector                     CCD 
_diffrn_detector.diffrn_id                    1 
_diffrn_detector.type                         'RIGAKU SATURN A200' 
_diffrn_detector.area_resol_mean              ? 
_diffrn_detector.dtime                        ? 
_diffrn_detector.pdbx_frames_total            ? 
_diffrn_detector.pdbx_collection_time_total   ? 
_diffrn_detector.pdbx_collection_date         2014-05-21 
# 
_diffrn_radiation.collimation                      ? 
_diffrn_radiation.diffrn_id                        1 
_diffrn_radiation.filter_edge                      ? 
_diffrn_radiation.inhomogeneity                    ? 
_diffrn_radiation.monochromator                    ? 
_diffrn_radiation.polarisn_norm                    ? 
_diffrn_radiation.polarisn_ratio                   ? 
_diffrn_radiation.probe                            ? 
_diffrn_radiation.type                             ? 
_diffrn_radiation.xray_symbol                      ? 
_diffrn_radiation.wavelength_id                    1 
_diffrn_radiation.pdbx_monochromatic_or_laue_m_l   M 
_diffrn_radiation.pdbx_wavelength_list             ? 
_diffrn_radiation.pdbx_wavelength                  ? 
_diffrn_radiation.pdbx_diffrn_protocol             'SINGLE WAVELENGTH' 
_diffrn_radiation.pdbx_analyzer                    ? 
_diffrn_radiation.pdbx_scattering_type             x-ray 
# 
_diffrn_radiation_wavelength.id           1 
_diffrn_radiation_wavelength.wavelength   1.5418 
_diffrn_radiation_wavelength.wt           1.0 
# 
_diffrn_source.current                     ? 
_diffrn_source.details                     ? 
_diffrn_source.diffrn_id                   1 
_diffrn_source.power                       ? 
_diffrn_source.size                        ? 
_diffrn_source.source                      'ROTATING ANODE' 
_diffrn_source.target                      ? 
_diffrn_source.type                        'RIGAKU FR-E SUPERBRIGHT' 
_diffrn_source.voltage                     ? 
_diffrn_source.take-off_angle              ? 
_diffrn_source.pdbx_wavelength_list        1.5418 
_diffrn_source.pdbx_wavelength             ? 
_diffrn_source.pdbx_synchrotron_beamline   ? 
_diffrn_source.pdbx_synchrotron_site       ? 
# 
_reflns.B_iso_Wilson_estimate            ? 
_reflns.entry_id                         4Z0O 
_reflns.data_reduction_details           ? 
_reflns.data_reduction_method            ? 
_reflns.d_resolution_high                1.570 
_reflns.d_resolution_low                 31.520 
_reflns.details                          ? 
_reflns.limit_h_max                      ? 
_reflns.limit_h_min                      ? 
_reflns.limit_k_max                      ? 
_reflns.limit_k_min                      ? 
_reflns.limit_l_max                      ? 
_reflns.limit_l_min                      ? 
_reflns.number_all                       ? 
_reflns.number_obs                       9271 
_reflns.observed_criterion               ? 
_reflns.observed_criterion_F_max         ? 
_reflns.observed_criterion_F_min         ? 
_reflns.observed_criterion_I_max         ? 
_reflns.observed_criterion_I_min         ? 
_reflns.observed_criterion_sigma_F       ? 
_reflns.observed_criterion_sigma_I       ? 
_reflns.percent_possible_obs             99.800 
_reflns.R_free_details                   ? 
_reflns.Rmerge_F_all                     ? 
_reflns.Rmerge_F_obs                     ? 
_reflns.Friedel_coverage                 ? 
_reflns.number_gt                        ? 
_reflns.threshold_expression             ? 
_reflns.pdbx_redundancy                  10.100 
_reflns.pdbx_Rmerge_I_obs                0.032 
_reflns.pdbx_Rmerge_I_all                ? 
_reflns.pdbx_Rsym_value                  ? 
_reflns.pdbx_netI_over_av_sigmaI         ? 
_reflns.pdbx_netI_over_sigmaI            56.200 
_reflns.pdbx_res_netI_over_av_sigmaI_2   ? 
_reflns.pdbx_res_netI_over_sigmaI_2      ? 
_reflns.pdbx_chi_squared                 ? 
_reflns.pdbx_scaling_rejects             ? 
_reflns.pdbx_d_res_high_opt              ? 
_reflns.pdbx_d_res_low_opt               ? 
_reflns.pdbx_d_res_opt_method            ? 
_reflns.phase_calculation_details        ? 
_reflns.pdbx_Rrim_I_all                  ? 
_reflns.pdbx_Rpim_I_all                  0.011 
_reflns.pdbx_d_opt                       ? 
_reflns.pdbx_number_measured_all         93278 
_reflns.pdbx_diffrn_id                   1 
_reflns.pdbx_ordinal                     1 
_reflns.pdbx_CC_half                     1.000 
_reflns.pdbx_R_split                     ? 
# 
loop_
_reflns_shell.d_res_high 
_reflns_shell.d_res_low 
_reflns_shell.meanI_over_sigI_all 
_reflns_shell.meanI_over_sigI_obs 
_reflns_shell.number_measured_all 
_reflns_shell.number_measured_obs 
_reflns_shell.number_possible 
_reflns_shell.number_unique_all 
_reflns_shell.number_unique_obs 
_reflns_shell.percent_possible_all 
_reflns_shell.percent_possible_obs 
_reflns_shell.Rmerge_F_all 
_reflns_shell.Rmerge_F_obs 
_reflns_shell.Rmerge_I_all 
_reflns_shell.Rmerge_I_obs 
_reflns_shell.meanI_over_sigI_gt 
_reflns_shell.meanI_over_uI_all 
_reflns_shell.meanI_over_uI_gt 
_reflns_shell.number_measured_gt 
_reflns_shell.number_unique_gt 
_reflns_shell.percent_possible_gt 
_reflns_shell.Rmerge_F_gt 
_reflns_shell.Rmerge_I_gt 
_reflns_shell.pdbx_redundancy 
_reflns_shell.pdbx_Rsym_value 
_reflns_shell.pdbx_chi_squared 
_reflns_shell.pdbx_netI_over_sigmaI_all 
_reflns_shell.pdbx_netI_over_sigmaI_obs 
_reflns_shell.pdbx_Rrim_I_all 
_reflns_shell.pdbx_Rpim_I_all 
_reflns_shell.pdbx_rejects 
_reflns_shell.pdbx_ordinal 
_reflns_shell.pdbx_diffrn_id 
_reflns_shell.pdbx_CC_half 
_reflns_shell.pdbx_R_split 
1.570 1.600  ? 13.300  4108 ? ? 434 ? 97.400 ? ? ? ? 0.203 ? ? ? ? ? ? ? ? 9.500 ? ? ? ? ? 0.068 0 1 1 0.990 ? 
8.610 31.520 ? 124.800 554  ? ? 73  ? 97.800 ? ? ? ? 0.020 ? ? ? ? ? ? ? ? 7.600 ? ? ? ? ? 0.007 0 2 1 1.000 ? 
# 
_refine.aniso_B[1][1]                            0.1700 
_refine.aniso_B[1][2]                            0.0900 
_refine.aniso_B[1][3]                            0.0000 
_refine.aniso_B[2][2]                            0.1700 
_refine.aniso_B[2][3]                            -0.0000 
_refine.aniso_B[3][3]                            -0.5600 
_refine.B_iso_max                                50.310 
_refine.B_iso_mean                               16.0170 
_refine.B_iso_min                                7.000 
_refine.correlation_coeff_Fo_to_Fc               0.9580 
_refine.correlation_coeff_Fo_to_Fc_free          0.9510 
_refine.details                                  
'The protein was crystallized in the presence of a putative peptide ligand not found in the crystal structure.' 
_refine.diff_density_max                         ? 
_refine.diff_density_max_esd                     ? 
_refine.diff_density_min                         ? 
_refine.diff_density_min_esd                     ? 
_refine.diff_density_rms                         ? 
_refine.diff_density_rms_esd                     ? 
_refine.entry_id                                 4Z0O 
_refine.pdbx_refine_id                           'X-RAY DIFFRACTION' 
_refine.ls_abs_structure_details                 ? 
_refine.ls_abs_structure_Flack                   ? 
_refine.ls_abs_structure_Flack_esd               ? 
_refine.ls_abs_structure_Rogers                  ? 
_refine.ls_abs_structure_Rogers_esd              ? 
_refine.ls_d_res_high                            1.5700 
_refine.ls_d_res_low                             30.0000 
_refine.ls_extinction_coef                       ? 
_refine.ls_extinction_coef_esd                   ? 
_refine.ls_extinction_expression                 ? 
_refine.ls_extinction_method                     ? 
_refine.ls_goodness_of_fit_all                   ? 
_refine.ls_goodness_of_fit_all_esd               ? 
_refine.ls_goodness_of_fit_obs                   ? 
_refine.ls_goodness_of_fit_obs_esd               ? 
_refine.ls_hydrogen_treatment                    ? 
_refine.ls_matrix_type                           ? 
_refine.ls_number_constraints                    ? 
_refine.ls_number_parameters                     ? 
_refine.ls_number_reflns_all                     ? 
_refine.ls_number_reflns_obs                     9268 
_refine.ls_number_reflns_R_free                  455 
_refine.ls_number_reflns_R_work                  8813 
_refine.ls_number_restraints                     ? 
_refine.ls_percent_reflns_obs                    99.7400 
_refine.ls_percent_reflns_R_free                 4.9000 
_refine.ls_R_factor_all                          ? 
_refine.ls_R_factor_obs                          0.1648 
_refine.ls_R_factor_R_free                       0.1863 
_refine.ls_R_factor_R_free_error                 ? 
_refine.ls_R_factor_R_free_error_details         ? 
_refine.ls_R_factor_R_work                       0.1637 
_refine.ls_R_Fsqd_factor_obs                     ? 
_refine.ls_R_I_factor_obs                        ? 
_refine.ls_redundancy_reflns_all                 ? 
_refine.ls_redundancy_reflns_obs                 ? 
_refine.ls_restrained_S_all                      ? 
_refine.ls_restrained_S_obs                      ? 
_refine.ls_shift_over_esd_max                    ? 
_refine.ls_shift_over_esd_mean                   ? 
_refine.ls_structure_factor_coef                 ? 
_refine.ls_weighting_details                     ? 
_refine.ls_weighting_scheme                      ? 
_refine.ls_wR_factor_all                         ? 
_refine.ls_wR_factor_obs                         ? 
_refine.ls_wR_factor_R_free                      0.1795 
_refine.ls_wR_factor_R_work                      0.1609 
_refine.occupancy_max                            ? 
_refine.occupancy_min                            ? 
_refine.solvent_model_details                    MASK 
_refine.solvent_model_param_bsol                 ? 
_refine.solvent_model_param_ksol                 ? 
_refine.ls_R_factor_gt                           ? 
_refine.ls_goodness_of_fit_gt                    ? 
_refine.ls_goodness_of_fit_ref                   ? 
_refine.ls_shift_over_su_max                     ? 
_refine.ls_shift_over_su_max_lt                  ? 
_refine.ls_shift_over_su_mean                    ? 
_refine.ls_shift_over_su_mean_lt                 ? 
_refine.pdbx_ls_sigma_I                          ? 
_refine.pdbx_ls_sigma_F                          0.000 
_refine.pdbx_ls_sigma_Fsqd                       ? 
_refine.pdbx_data_cutoff_high_absF               ? 
_refine.pdbx_data_cutoff_high_rms_absF           ? 
_refine.pdbx_data_cutoff_low_absF                ? 
_refine.pdbx_isotropic_thermal_model             ? 
_refine.pdbx_ls_cross_valid_method               THROUGHOUT 
_refine.pdbx_method_to_determine_struct          'MOLECULAR REPLACEMENT' 
_refine.pdbx_starting_model                      'PDB entry 4O62' 
_refine.pdbx_stereochemistry_target_values       'MAXIMUM LIKELIHOOD' 
_refine.pdbx_R_Free_selection_details            RANDOM 
_refine.pdbx_stereochem_target_val_spec_case     ? 
_refine.pdbx_overall_ESU_R                       0.0750 
_refine.pdbx_overall_ESU_R_Free                  0.0740 
_refine.pdbx_solvent_vdw_probe_radii             1.2000 
_refine.pdbx_solvent_ion_probe_radii             0.8000 
_refine.pdbx_solvent_shrinkage_radii             0.8000 
_refine.pdbx_real_space_R                        ? 
_refine.pdbx_density_correlation                 ? 
_refine.pdbx_pd_number_of_powder_patterns        ? 
_refine.pdbx_pd_number_of_points                 ? 
_refine.pdbx_pd_meas_number_of_points            ? 
_refine.pdbx_pd_proc_ls_prof_R_factor            ? 
_refine.pdbx_pd_proc_ls_prof_wR_factor           ? 
_refine.pdbx_pd_Marquardt_correlation_coeff      ? 
_refine.pdbx_pd_Fsqrd_R_factor                   ? 
_refine.pdbx_pd_ls_matrix_band_width             ? 
_refine.pdbx_overall_phase_error                 ? 
_refine.pdbx_overall_SU_R_free_Cruickshank_DPI   ? 
_refine.pdbx_overall_SU_R_free_Blow_DPI          ? 
_refine.pdbx_overall_SU_R_Blow_DPI               ? 
_refine.pdbx_TLS_residual_ADP_flag               ? 
_refine.pdbx_diffrn_id                           1 
_refine.overall_SU_B                             1.1130 
_refine.overall_SU_ML                            0.0410 
_refine.overall_SU_R_Cruickshank_DPI             0.0752 
_refine.overall_SU_R_free                        0.0742 
_refine.overall_FOM_free_R_set                   ? 
_refine.overall_FOM_work_R_set                   0.9073 
_refine.pdbx_average_fsc_overall                 ? 
_refine.pdbx_average_fsc_work                    ? 
_refine.pdbx_average_fsc_free                    ? 
# 
_refine_hist.cycle_id                         final 
_refine_hist.pdbx_refine_id                   'X-RAY DIFFRACTION' 
_refine_hist.d_res_high                       1.5700 
_refine_hist.d_res_low                        30.0000 
_refine_hist.pdbx_number_atoms_ligand         11 
_refine_hist.number_atoms_solvent             57 
_refine_hist.number_atoms_total               526 
_refine_hist.pdbx_number_residues_total       55 
_refine_hist.pdbx_B_iso_mean_ligand           26.41 
_refine_hist.pdbx_B_iso_mean_solvent          23.89 
_refine_hist.pdbx_number_atoms_protein        458 
_refine_hist.pdbx_number_atoms_nucleic_acid   0 
# 
loop_
_refine_ls_restr.pdbx_refine_id 
_refine_ls_restr.criterion 
_refine_ls_restr.dev_ideal 
_refine_ls_restr.dev_ideal_target 
_refine_ls_restr.number 
_refine_ls_restr.rejects 
_refine_ls_restr.type 
_refine_ls_restr.weight 
_refine_ls_restr.pdbx_restraint_function 
'X-RAY DIFFRACTION' ? 0.017  0.019  494 ? r_bond_refined_d       ? ? 
'X-RAY DIFFRACTION' ? 0.002  0.020  419 ? r_bond_other_d         ? ? 
'X-RAY DIFFRACTION' ? 1.729  1.893  677 ? r_angle_refined_deg    ? ? 
'X-RAY DIFFRACTION' ? 1.003  3.000  972 ? r_angle_other_deg      ? ? 
'X-RAY DIFFRACTION' ? 5.768  5.000  62  ? r_dihedral_angle_1_deg ? ? 
'X-RAY DIFFRACTION' ? 28.119 25.517 29  ? r_dihedral_angle_2_deg ? ? 
'X-RAY DIFFRACTION' ? 9.268  15.000 83  ? r_dihedral_angle_3_deg ? ? 
'X-RAY DIFFRACTION' ? 20.334 15.000 2   ? r_dihedral_angle_4_deg ? ? 
'X-RAY DIFFRACTION' ? 0.111  0.200  69  ? r_chiral_restr         ? ? 
'X-RAY DIFFRACTION' ? 0.008  0.020  585 ? r_gen_planes_refined   ? ? 
'X-RAY DIFFRACTION' ? 0.002  0.020  125 ? r_gen_planes_other     ? ? 
'X-RAY DIFFRACTION' ? 1.666  1.390  230 ? r_mcbond_it            ? ? 
'X-RAY DIFFRACTION' ? 1.668  1.380  229 ? r_mcbond_other         ? ? 
'X-RAY DIFFRACTION' ? 2.528  2.072  289 ? r_mcangle_it           ? ? 
# 
_refine_ls_shell.pdbx_refine_id                   'X-RAY DIFFRACTION' 
_refine_ls_shell.d_res_high                       1.5720 
_refine_ls_shell.d_res_low                        1.6130 
_refine_ls_shell.number_reflns_all                654 
_refine_ls_shell.number_reflns_obs                ? 
_refine_ls_shell.number_reflns_R_free             29 
_refine_ls_shell.number_reflns_R_work             625 
_refine_ls_shell.percent_reflns_obs               98.3500 
_refine_ls_shell.percent_reflns_R_free            ? 
_refine_ls_shell.R_factor_all                     ? 
_refine_ls_shell.R_factor_obs                     ? 
_refine_ls_shell.R_factor_R_free                  0.1890 
_refine_ls_shell.R_factor_R_free_error            ? 
_refine_ls_shell.R_factor_R_work                  0.1430 
_refine_ls_shell.redundancy_reflns_all            ? 
_refine_ls_shell.redundancy_reflns_obs            ? 
_refine_ls_shell.wR_factor_all                    ? 
_refine_ls_shell.wR_factor_obs                    ? 
_refine_ls_shell.wR_factor_R_free                 ? 
_refine_ls_shell.wR_factor_R_work                 ? 
_refine_ls_shell.pdbx_total_number_of_bins_used   20 
_refine_ls_shell.pdbx_phase_error                 ? 
_refine_ls_shell.pdbx_fsc_work                    ? 
_refine_ls_shell.pdbx_fsc_free                    ? 
# 
_struct.entry_id                     4Z0O 
_struct.title                        'CW-type zinc finger of ZCWPW2 with F78D mutation' 
_struct.pdbx_model_details           ? 
_struct.pdbx_formula_weight          ? 
_struct.pdbx_formula_weight_method   ? 
_struct.pdbx_model_type_details      ? 
_struct.pdbx_CASP_flag               ? 
# 
_struct_keywords.entry_id        4Z0O 
_struct_keywords.text            
'Structural Genomics, zinc finger, cw domain, Structural Genomics Consortium, SGC, PROTEIN BINDING' 
_struct_keywords.pdbx_keywords   'PROTEIN BINDING' 
# 
loop_
_struct_asym.id 
_struct_asym.pdbx_blank_PDB_chainid_flag 
_struct_asym.pdbx_modified 
_struct_asym.entity_id 
_struct_asym.details 
A N N 1 ? 
B N N 2 ? 
C N N 3 ? 
D N N 4 ? 
E N N 4 ? 
F N N 4 ? 
G N N 4 ? 
H N N 4 ? 
I N N 4 ? 
J N N 4 ? 
K N N 4 ? 
L N N 4 ? 
M N N 5 ? 
# 
loop_
_struct_conf.conf_type_id 
_struct_conf.id 
_struct_conf.pdbx_PDB_helix_id 
_struct_conf.beg_label_comp_id 
_struct_conf.beg_label_asym_id 
_struct_conf.beg_label_seq_id 
_struct_conf.pdbx_beg_PDB_ins_code 
_struct_conf.end_label_comp_id 
_struct_conf.end_label_asym_id 
_struct_conf.end_label_seq_id 
_struct_conf.pdbx_end_PDB_ins_code 
_struct_conf.beg_auth_comp_id 
_struct_conf.beg_auth_asym_id 
_struct_conf.beg_auth_seq_id 
_struct_conf.end_auth_comp_id 
_struct_conf.end_auth_asym_id 
_struct_conf.end_auth_seq_id 
_struct_conf.pdbx_PDB_helix_class 
_struct_conf.details 
_struct_conf.pdbx_PDB_helix_length 
HELX_P HELX_P1 AA1 SER A 27 ? LYS A 32 ? SER A 46 LYS A 51 1 ? 6 
HELX_P HELX_P2 AA2 TYR A 40 ? ASN A 44 ? TYR A 59 ASN A 63 5 ? 5 
# 
_struct_conf_type.id          HELX_P 
_struct_conf_type.criteria    ? 
_struct_conf_type.reference   ? 
# 
loop_
_struct_conn.id 
_struct_conn.conn_type_id 
_struct_conn.pdbx_leaving_atom_flag 
_struct_conn.pdbx_PDB_id 
_struct_conn.ptnr1_label_asym_id 
_struct_conn.ptnr1_label_comp_id 
_struct_conn.ptnr1_label_seq_id 
_struct_conn.ptnr1_label_atom_id 
_struct_conn.pdbx_ptnr1_label_alt_id 
_struct_conn.pdbx_ptnr1_PDB_ins_code 
_struct_conn.pdbx_ptnr1_standard_comp_id 
_struct_conn.ptnr1_symmetry 
_struct_conn.ptnr2_label_asym_id 
_struct_conn.ptnr2_label_comp_id 
_struct_conn.ptnr2_label_seq_id 
_struct_conn.ptnr2_label_atom_id 
_struct_conn.pdbx_ptnr2_label_alt_id 
_struct_conn.pdbx_ptnr2_PDB_ins_code 
_struct_conn.ptnr1_auth_asym_id 
_struct_conn.ptnr1_auth_comp_id 
_struct_conn.ptnr1_auth_seq_id 
_struct_conn.ptnr2_auth_asym_id 
_struct_conn.ptnr2_auth_comp_id 
_struct_conn.ptnr2_auth_seq_id 
_struct_conn.ptnr2_symmetry 
_struct_conn.pdbx_ptnr3_label_atom_id 
_struct_conn.pdbx_ptnr3_label_seq_id 
_struct_conn.pdbx_ptnr3_label_comp_id 
_struct_conn.pdbx_ptnr3_label_asym_id 
_struct_conn.pdbx_ptnr3_label_alt_id 
_struct_conn.pdbx_ptnr3_PDB_ins_code 
_struct_conn.details 
_struct_conn.pdbx_dist_value 
_struct_conn.pdbx_value_order 
_struct_conn.pdbx_role 
metalc1 metalc ? ? A CYS 14 SG  ? ? ? 1_555 B ZN  . ZN ? ? A CYS 33   A ZN  1001 1_555 ? ? ? ? ? ? ? 2.353 ? ? 
metalc2 metalc ? ? A ASN 18 OD1 ? ? ? 1_555 C NA  . NA ? ? A ASN 37   A NA  1002 1_555 ? ? ? ? ? ? ? 2.504 ? ? 
metalc3 metalc ? ? A ASN 18 OD1 ? ? ? 1_555 C NA  . NA ? ? A ASN 37   A NA  1002 3_775 ? ? ? ? ? ? ? 2.438 ? ? 
metalc4 metalc ? ? A CYS 19 SG  ? ? ? 1_555 B ZN  . ZN ? ? A CYS 38   A ZN  1001 1_555 ? ? ? ? ? ? ? 2.307 ? ? 
metalc5 metalc ? ? A CYS 41 SG  ? ? ? 1_555 B ZN  . ZN ? ? A CYS 60   A ZN  1001 1_555 ? ? ? ? ? ? ? 2.341 ? ? 
metalc6 metalc ? ? A CYS 52 SG  ? ? ? 1_555 B ZN  . ZN ? ? A CYS 71   A ZN  1001 1_555 ? ? ? ? ? ? ? 2.329 ? ? 
metalc7 metalc ? ? C NA  .  NA  ? ? ? 1_555 M HOH . O  ? ? A NA  1002 A HOH 1128 1_555 ? ? ? ? ? ? ? 2.443 ? ? 
metalc8 metalc ? ? C NA  .  NA  ? ? ? 1_555 M HOH . O  ? ? A NA  1002 A HOH 1128 3_775 ? ? ? ? ? ? ? 2.376 ? ? 
# 
_struct_conn_type.id          metalc 
_struct_conn_type.criteria    ? 
_struct_conn_type.reference   ? 
# 
_struct_sheet.id               AA1 
_struct_sheet.type             ? 
_struct_sheet.number_strands   2 
_struct_sheet.details          ? 
# 
_struct_sheet_order.sheet_id     AA1 
_struct_sheet_order.range_id_1   1 
_struct_sheet_order.range_id_2   2 
_struct_sheet_order.offset       ? 
_struct_sheet_order.sense        anti-parallel 
# 
loop_
_struct_sheet_range.sheet_id 
_struct_sheet_range.id 
_struct_sheet_range.beg_label_comp_id 
_struct_sheet_range.beg_label_asym_id 
_struct_sheet_range.beg_label_seq_id 
_struct_sheet_range.pdbx_beg_PDB_ins_code 
_struct_sheet_range.end_label_comp_id 
_struct_sheet_range.end_label_asym_id 
_struct_sheet_range.end_label_seq_id 
_struct_sheet_range.pdbx_end_PDB_ins_code 
_struct_sheet_range.beg_auth_comp_id 
_struct_sheet_range.beg_auth_asym_id 
_struct_sheet_range.beg_auth_seq_id 
_struct_sheet_range.end_auth_comp_id 
_struct_sheet_range.end_auth_asym_id 
_struct_sheet_range.end_auth_seq_id 
AA1 1 LYS A 9  ? GLN A 13 ? LYS A 28 GLN A 32 
AA1 2 TRP A 22 ? SER A 26 ? TRP A 41 SER A 45 
# 
_pdbx_struct_sheet_hbond.sheet_id                AA1 
_pdbx_struct_sheet_hbond.range_id_1              1 
_pdbx_struct_sheet_hbond.range_id_2              2 
_pdbx_struct_sheet_hbond.range_1_label_atom_id   N 
_pdbx_struct_sheet_hbond.range_1_label_comp_id   VAL 
_pdbx_struct_sheet_hbond.range_1_label_asym_id   A 
_pdbx_struct_sheet_hbond.range_1_label_seq_id    12 
_pdbx_struct_sheet_hbond.range_1_PDB_ins_code    ? 
_pdbx_struct_sheet_hbond.range_1_auth_atom_id    N 
_pdbx_struct_sheet_hbond.range_1_auth_comp_id    VAL 
_pdbx_struct_sheet_hbond.range_1_auth_asym_id    A 
_pdbx_struct_sheet_hbond.range_1_auth_seq_id     31 
_pdbx_struct_sheet_hbond.range_2_label_atom_id   O 
_pdbx_struct_sheet_hbond.range_2_label_comp_id   ARG 
_pdbx_struct_sheet_hbond.range_2_label_asym_id   A 
_pdbx_struct_sheet_hbond.range_2_label_seq_id    23 
_pdbx_struct_sheet_hbond.range_2_PDB_ins_code    ? 
_pdbx_struct_sheet_hbond.range_2_auth_atom_id    O 
_pdbx_struct_sheet_hbond.range_2_auth_comp_id    ARG 
_pdbx_struct_sheet_hbond.range_2_auth_asym_id    A 
_pdbx_struct_sheet_hbond.range_2_auth_seq_id     42 
# 
loop_
_struct_site.id 
_struct_site.pdbx_evidence_code 
_struct_site.pdbx_auth_asym_id 
_struct_site.pdbx_auth_comp_id 
_struct_site.pdbx_auth_seq_id 
_struct_site.pdbx_auth_ins_code 
_struct_site.pdbx_num_residues 
_struct_site.details 
AC1 Software A ZN 1001 ? 4 'binding site for residue ZN A 1001' 
AC2 Software A NA 1002 ? 6 'binding site for residue NA A 1002' 
# 
loop_
_struct_site_gen.id 
_struct_site_gen.site_id 
_struct_site_gen.pdbx_num_res 
_struct_site_gen.label_comp_id 
_struct_site_gen.label_asym_id 
_struct_site_gen.label_seq_id 
_struct_site_gen.pdbx_auth_ins_code 
_struct_site_gen.auth_comp_id 
_struct_site_gen.auth_asym_id 
_struct_site_gen.auth_seq_id 
_struct_site_gen.label_atom_id 
_struct_site_gen.label_alt_id 
_struct_site_gen.symmetry 
_struct_site_gen.details 
1  AC1 4 CYS A 14 ? CYS A 33   . ? 1_555 ? 
2  AC1 4 CYS A 19 ? CYS A 38   . ? 1_555 ? 
3  AC1 4 CYS A 41 ? CYS A 60   . ? 1_555 ? 
4  AC1 4 CYS A 52 ? CYS A 71   . ? 1_555 ? 
5  AC2 6 ASN A 18 ? ASN A 37   . ? 2_755 ? 
6  AC2 6 ASN A 18 ? ASN A 37   . ? 1_555 ? 
7  AC2 6 ASN A 18 ? ASN A 37   . ? 3_775 ? 
8  AC2 6 HOH M .  ? HOH A 1128 . ? 1_555 ? 
9  AC2 6 HOH M .  ? HOH A 1128 . ? 3_775 ? 
10 AC2 6 HOH M .  ? HOH A 1128 . ? 2_755 ? 
# 
_atom_sites.entry_id                    4Z0O 
_atom_sites.fract_transf_matrix[1][1]   -0.01253450 
_atom_sites.fract_transf_matrix[1][2]   0.00873759 
_atom_sites.fract_transf_matrix[1][3]   -0.01886192 
_atom_sites.fract_transf_matrix[2][1]   -0.01504082 
_atom_sites.fract_transf_matrix[2][2]   -0.01451099 
_atom_sites.fract_transf_matrix[2][3]   -0.01234634 
_atom_sites.fract_transf_matrix[3][1]   -0.01527338 
_atom_sites.fract_transf_matrix[3][2]   0.00516115 
_atom_sites.fract_transf_matrix[3][3]   0.01254062 
_atom_sites.fract_transf_vector[1]      1.521185 
_atom_sites.fract_transf_vector[2]      1.015673 
_atom_sites.fract_transf_vector[3]      0.254822 
# 
loop_
_atom_type.symbol 
C  
N  
NA 
O  
S  
X  
ZN 
# 
loop_
_atom_site.group_PDB 
_atom_site.id 
_atom_site.type_symbol 
_atom_site.label_atom_id 
_atom_site.label_alt_id 
_atom_site.label_comp_id 
_atom_site.label_asym_id 
_atom_site.label_entity_id 
_atom_site.label_seq_id 
_atom_site.pdbx_PDB_ins_code 
_atom_site.Cartn_x 
_atom_site.Cartn_y 
_atom_site.Cartn_z 
_atom_site.occupancy 
_atom_site.B_iso_or_equiv 
_atom_site.pdbx_formal_charge 
_atom_site.auth_seq_id 
_atom_site.auth_comp_id 
_atom_site.auth_asym_id 
_atom_site.auth_atom_id 
_atom_site.pdbx_PDB_model_num 
ATOM   1   N  N   . ASN A 1 4  ? 14.938  -2.966  -21.867 1.00 27.61 ? 23   ASN A N   1 
ATOM   2   C  CA  . ASN A 1 4  ? 13.645  -3.514  -21.431 1.00 22.45 ? 23   ASN A CA  1 
ATOM   3   C  C   . ASN A 1 4  ? 13.599  -3.508  -19.866 1.00 18.37 ? 23   ASN A C   1 
ATOM   4   O  O   . ASN A 1 4  ? 14.409  -4.144  -19.271 1.00 14.68 ? 23   ASN A O   1 
ATOM   5   C  CB  . ASN A 1 4  ? 13.607  -4.921  -21.992 1.00 31.90 ? 23   ASN A CB  1 
ATOM   6   C  CG  . ASN A 1 4  ? 12.213  -5.462  -22.139 1.00 32.18 ? 23   ASN A CG  1 
ATOM   7   O  OD1 . ASN A 1 4  ? 11.204  -4.741  -22.005 1.00 40.25 ? 23   ASN A OD1 1 
ATOM   8   N  ND2 . ASN A 1 4  ? 12.140  -6.746  -22.444 1.00 28.73 ? 23   ASN A ND2 1 
ATOM   9   N  N   . MET A 1 5  ? 12.694  -2.754  -19.230 1.00 16.27 ? 24   MET A N   1 
ATOM   10  C  CA  . MET A 1 5  ? 12.612  -2.744  -17.750 1.00 16.75 ? 24   MET A CA  1 
ATOM   11  C  C   . MET A 1 5  ? 11.194  -3.021  -17.325 1.00 18.83 ? 24   MET A C   1 
ATOM   12  O  O   . MET A 1 5  ? 10.262  -2.828  -18.082 1.00 19.90 ? 24   MET A O   1 
ATOM   13  C  CB  . MET A 1 5  ? 13.080  -1.440  -17.089 1.00 17.86 ? 24   MET A CB  1 
ATOM   14  C  CG  A MET A 1 5  ? 14.505  -1.025  -17.382 0.70 18.73 ? 24   MET A CG  1 
ATOM   15  S  SD  A MET A 1 5  ? 14.971  0.393   -16.404 0.70 21.97 ? 24   MET A SD  1 
ATOM   16  C  CE  A MET A 1 5  ? 16.703  0.536   -16.861 0.70 20.75 ? 24   MET A CE  1 
ATOM   17  N  N   . TYR A 1 6  ? 11.040  -3.495  -16.101 1.00 15.53 ? 25   TYR A N   1 
ATOM   18  C  CA  . TYR A 1 6  ? 9.737   -3.864  -15.576 1.00 16.54 ? 25   TYR A CA  1 
ATOM   19  C  C   . TYR A 1 6  ? 9.722   -3.610  -14.063 1.00 15.11 ? 25   TYR A C   1 
ATOM   20  O  O   . TYR A 1 6  ? 10.561  -4.143  -13.320 1.00 13.52 ? 25   TYR A O   1 
ATOM   21  C  CB  . TYR A 1 6  ? 9.440   -5.334  -15.870 1.00 18.09 ? 25   TYR A CB  1 
ATOM   22  C  CG  . TYR A 1 6  ? 8.137   -5.833  -15.234 1.00 19.17 ? 25   TYR A CG  1 
ATOM   23  C  CD1 . TYR A 1 6  ? 6.907   -5.402  -15.734 1.00 23.49 ? 25   TYR A CD1 1 
ATOM   24  C  CD2 . TYR A 1 6  ? 8.156   -6.683  -14.138 1.00 19.85 ? 25   TYR A CD2 1 
ATOM   25  C  CE1 . TYR A 1 6  ? 5.721   -5.852  -15.156 1.00 25.75 ? 25   TYR A CE1 1 
ATOM   26  C  CE2 . TYR A 1 6  ? 6.971   -7.166  -13.581 1.00 22.46 ? 25   TYR A CE2 1 
ATOM   27  C  CZ  . TYR A 1 6  ? 5.780   -6.710  -14.095 1.00 25.04 ? 25   TYR A CZ  1 
ATOM   28  O  OH  . TYR A 1 6  ? 4.592   -7.151  -13.525 1.00 31.15 ? 25   TYR A OH  1 
ATOM   29  N  N   . VAL A 1 7  ? 8.694   -2.862  -13.609 1.00 14.23 ? 26   VAL A N   1 
ATOM   30  C  CA  . VAL A 1 7  ? 8.445   -2.669  -12.173 1.00 15.20 ? 26   VAL A CA  1 
ATOM   31  C  C   . VAL A 1 7  ? 7.473   -3.734  -11.755 1.00 14.78 ? 26   VAL A C   1 
ATOM   32  O  O   . VAL A 1 7  ? 6.372   -3.772  -12.300 1.00 16.10 ? 26   VAL A O   1 
ATOM   33  C  CB  . VAL A 1 7  ? 7.849   -1.274  -11.890 1.00 16.15 ? 26   VAL A CB  1 
ATOM   34  C  CG1 . VAL A 1 7  ? 7.518   -1.126  -10.400 1.00 16.70 ? 26   VAL A CG1 1 
ATOM   35  C  CG2 . VAL A 1 7  ? 8.790   -0.146  -12.320 1.00 15.81 ? 26   VAL A CG2 1 
ATOM   36  N  N   . ASN A 1 8  ? 7.888   -4.610  -10.861 1.00 13.57 ? 27   ASN A N   1 
ATOM   37  C  CA  . ASN A 1 8  ? 7.098   -5.729  -10.354 1.00 14.58 ? 27   ASN A CA  1 
ATOM   38  C  C   . ASN A 1 8  ? 6.241   -5.323  -9.137  1.00 16.37 ? 27   ASN A C   1 
ATOM   39  O  O   . ASN A 1 8  ? 5.098   -5.799  -8.993  1.00 15.03 ? 27   ASN A O   1 
ATOM   40  C  CB  . ASN A 1 8  ? 8.019   -6.878  -9.978  1.00 16.33 ? 27   ASN A CB  1 
ATOM   41  C  CG  . ASN A 1 8  ? 7.267   -8.152  -9.655  1.00 16.79 ? 27   ASN A CG  1 
ATOM   42  O  OD1 . ASN A 1 8  ? 6.303   -8.475  -10.339 1.00 22.17 ? 27   ASN A OD1 1 
ATOM   43  N  ND2 . ASN A 1 8  ? 7.692   -8.837  -8.651  1.00 17.32 ? 27   ASN A ND2 1 
ATOM   44  N  N   . LYS A 1 9  ? 6.805   -4.492  -8.268  1.00 13.39 ? 28   LYS A N   1 
ATOM   45  C  CA  . LYS A 1 9  ? 6.161   -4.064  -7.016  1.00 14.64 ? 28   LYS A CA  1 
ATOM   46  C  C   . LYS A 1 9  ? 6.403   -2.582  -6.742  1.00 13.88 ? 28   LYS A C   1 
ATOM   47  O  O   . LYS A 1 9  ? 7.395   -1.995  -7.217  1.00 13.89 ? 28   LYS A O   1 
ATOM   48  C  CB  . LYS A 1 9  ? 6.641   -4.885  -5.866  1.00 16.23 ? 28   LYS A CB  1 
ATOM   49  C  CG  . LYS A 1 9  ? 6.389   -6.372  -6.066  1.00 22.71 ? 28   LYS A CG  1 
ATOM   50  C  CD  . LYS A 1 9  ? 6.205   -7.128  -4.781  1.00 25.87 ? 28   LYS A CD  1 
ATOM   51  C  CE  . LYS A 1 9  ? 5.878   -8.594  -5.064  1.00 28.65 ? 28   LYS A CE  1 
ATOM   52  N  NZ  . LYS A 1 9  ? 6.096   -9.425  -3.842  1.00 33.34 ? 28   LYS A NZ  1 
ATOM   53  N  N   . VAL A 1 10 ? 5.456   -2.000  -5.980  1.00 12.23 ? 29   VAL A N   1 
ATOM   54  C  CA  . VAL A 1 10 ? 5.460   -0.559  -5.654  1.00 12.36 ? 29   VAL A CA  1 
ATOM   55  C  C   . VAL A 1 10 ? 5.054   -0.427  -4.215  1.00 13.01 ? 29   VAL A C   1 
ATOM   56  O  O   . VAL A 1 10 ? 4.114   -1.071  -3.789  1.00 13.22 ? 29   VAL A O   1 
ATOM   57  C  CB  . VAL A 1 10 ? 4.473   0.206   -6.521  1.00 13.19 ? 29   VAL A CB  1 
ATOM   58  C  CG1 . VAL A 1 10 ? 4.476   1.702   -6.132  1.00 14.96 ? 29   VAL A CG1 1 
ATOM   59  C  CG2 . VAL A 1 10 ? 4.751   0.025   -8.007  1.00 15.11 ? 29   VAL A CG2 1 
ATOM   60  N  N   . TRP A 1 11 ? 5.766   0.359   -3.422  1.00 10.75 ? 30   TRP A N   1 
ATOM   61  C  CA  . TRP A 1 11 ? 5.389   0.619   -1.992  1.00 11.68 ? 30   TRP A CA  1 
ATOM   62  C  C   . TRP A 1 11 ? 4.458   1.830   -1.978  1.00 10.93 ? 30   TRP A C   1 
ATOM   63  O  O   . TRP A 1 11 ? 4.637   2.762   -2.714  1.00 11.52 ? 30   TRP A O   1 
ATOM   64  C  CB  . TRP A 1 11 ? 6.624   0.934   -1.183  1.00 12.57 ? 30   TRP A CB  1 
ATOM   65  C  CG  . TRP A 1 11 ? 7.555   -0.235  -1.013  1.00 12.78 ? 30   TRP A CG  1 
ATOM   66  C  CD1 . TRP A 1 11 ? 8.535   -0.665  -1.889  1.00 13.75 ? 30   TRP A CD1 1 
ATOM   67  C  CD2 . TRP A 1 11 ? 7.581   -1.113  0.093   1.00 13.56 ? 30   TRP A CD2 1 
ATOM   68  N  NE1 . TRP A 1 11 ? 9.190   -1.727  -1.338  1.00 13.25 ? 30   TRP A NE1 1 
ATOM   69  C  CE2 . TRP A 1 11 ? 8.632   -2.033  -0.122  1.00 13.17 ? 30   TRP A CE2 1 
ATOM   70  C  CE3 . TRP A 1 11 ? 6.829   -1.198  1.287   1.00 12.78 ? 30   TRP A CE3 1 
ATOM   71  C  CZ2 . TRP A 1 11 ? 8.909   -3.063  0.773   1.00 14.41 ? 30   TRP A CZ2 1 
ATOM   72  C  CZ3 . TRP A 1 11 ? 7.082   -2.222  2.163   1.00 13.59 ? 30   TRP A CZ3 1 
ATOM   73  C  CH2 . TRP A 1 11 ? 8.160   -3.138  1.933   1.00 14.23 ? 30   TRP A CH2 1 
ATOM   74  N  N   . VAL A 1 12 ? 3.415   1.748   -1.138  1.00 9.85  ? 31   VAL A N   1 
ATOM   75  C  CA  A VAL A 1 12 ? 2.400   2.795   -0.996  0.50 10.17 ? 31   VAL A CA  1 
ATOM   76  C  CA  B VAL A 1 12 ? 2.383   2.759   -1.005  0.50 9.97  ? 31   VAL A CA  1 
ATOM   77  C  C   . VAL A 1 12 ? 2.278   3.065   0.482   1.00 9.81  ? 31   VAL A C   1 
ATOM   78  O  O   . VAL A 1 12 ? 2.220   2.162   1.313   1.00 11.03 ? 31   VAL A O   1 
ATOM   79  C  CB  A VAL A 1 12 ? 1.018   2.410   -1.583  0.50 10.38 ? 31   VAL A CB  1 
ATOM   80  C  CB  B VAL A 1 12 ? 1.061   2.229   -1.598  0.50 9.90  ? 31   VAL A CB  1 
ATOM   81  C  CG1 A VAL A 1 12 ? 0.438   1.215   -0.857  0.50 10.93 ? 31   VAL A CG1 1 
ATOM   82  C  CG1 B VAL A 1 12 ? -0.016  3.296   -1.554  0.50 10.72 ? 31   VAL A CG1 1 
ATOM   83  C  CG2 A VAL A 1 12 ? 0.049   3.593   -1.502  0.50 11.28 ? 31   VAL A CG2 1 
ATOM   84  C  CG2 B VAL A 1 12 ? 1.307   1.769   -3.033  0.50 9.91  ? 31   VAL A CG2 1 
ATOM   85  N  N   . GLN A 1 13 ? 2.224   4.360   0.815   1.00 9.67  ? 32   GLN A N   1 
ATOM   86  C  CA  . GLN A 1 13 ? 2.113   4.785   2.196   1.00 10.41 ? 32   GLN A CA  1 
ATOM   87  C  C   . GLN A 1 13 ? 0.650   4.960   2.651   1.00 9.20  ? 32   GLN A C   1 
ATOM   88  O  O   . GLN A 1 13 ? -0.150  5.647   2.005   1.00 8.90  ? 32   GLN A O   1 
ATOM   89  C  CB  . GLN A 1 13 ? 2.895   6.087   2.480   1.00 10.69 ? 32   GLN A CB  1 
ATOM   90  C  CG  . GLN A 1 13 ? 3.147   6.339   3.965   1.00 11.29 ? 32   GLN A CG  1 
ATOM   91  C  CD  . GLN A 1 13 ? 3.945   7.607   4.244   1.00 13.63 ? 32   GLN A CD  1 
ATOM   92  O  OE1 . GLN A 1 13 ? 3.917   8.551   3.432   1.00 16.39 ? 32   GLN A OE1 1 
ATOM   93  N  NE2 . GLN A 1 13 ? 4.645   7.631   5.346   1.00 13.50 ? 32   GLN A NE2 1 
ATOM   94  N  N   . CYS A 1 14 ? 0.383   4.405   3.824   1.00 8.75  ? 33   CYS A N   1 
ATOM   95  C  CA  . CYS A 1 14 ? -0.866  4.648   4.531   1.00 9.02  ? 33   CYS A CA  1 
ATOM   96  C  C   . CYS A 1 14 ? -0.922  6.122   4.942   1.00 9.48  ? 33   CYS A C   1 
ATOM   97  O  O   . CYS A 1 14 ? 0.048   6.622   5.522   1.00 10.99 ? 33   CYS A O   1 
ATOM   98  C  CB  . CYS A 1 14 ? -0.949  3.758   5.754   1.00 8.63  ? 33   CYS A CB  1 
ATOM   99  S  SG  . CYS A 1 14 ? -2.529  4.014   6.633   1.00 8.37  ? 33   CYS A SG  1 
ATOM   100 N  N   . GLU A 1 15 ? -2.068  6.769   4.704   1.00 8.27  ? 34   GLU A N   1 
ATOM   101 C  CA  . GLU A 1 15 ? -2.276  8.200   5.008   1.00 8.92  ? 34   GLU A CA  1 
ATOM   102 C  C   . GLU A 1 15 ? -3.023  8.461   6.341   1.00 9.46  ? 34   GLU A C   1 
ATOM   103 O  O   . GLU A 1 15 ? -3.387  9.599   6.666   1.00 9.37  ? 34   GLU A O   1 
ATOM   104 C  CB  . GLU A 1 15 ? -2.901  8.913   3.835   1.00 9.21  ? 34   GLU A CB  1 
ATOM   105 C  CG  . GLU A 1 15 ? -2.016  8.827   2.624   1.00 9.10  ? 34   GLU A CG  1 
ATOM   106 C  CD  . GLU A 1 15 ? -2.543  9.457   1.384   1.00 11.72 ? 34   GLU A CD  1 
ATOM   107 O  OE1 . GLU A 1 15 ? -3.013  10.652  1.463   1.00 15.56 ? 34   GLU A OE1 1 
ATOM   108 O  OE2 . GLU A 1 15 ? -2.535  8.787   0.318   1.00 11.46 ? 34   GLU A OE2 1 
ATOM   109 N  N   . ASN A 1 16 ? -3.248  7.408   7.117   1.00 8.52  ? 35   ASN A N   1 
ATOM   110 C  CA  . ASN A 1 16 ? -3.673  7.596   8.513   1.00 8.93  ? 35   ASN A CA  1 
ATOM   111 C  C   . ASN A 1 16 ? -2.535  8.247   9.257   1.00 8.97  ? 35   ASN A C   1 
ATOM   112 O  O   . ASN A 1 16 ? -1.455  7.686   9.342   1.00 8.67  ? 35   ASN A O   1 
ATOM   113 C  CB  . ASN A 1 16 ? -4.046  6.222   9.105   1.00 8.47  ? 35   ASN A CB  1 
ATOM   114 C  CG  . ASN A 1 16 ? -4.153  6.188   10.622  1.00 9.07  ? 35   ASN A CG  1 
ATOM   115 O  OD1 . ASN A 1 16 ? -4.209  7.253   11.280  1.00 9.64  ? 35   ASN A OD1 1 
ATOM   116 N  ND2 . ASN A 1 16 ? -4.305  4.964   11.166  1.00 9.76  ? 35   ASN A ND2 1 
ATOM   117 N  N   . GLU A 1 17 ? -2.790  9.452   9.766   1.00 9.41  ? 36   GLU A N   1 
ATOM   118 C  CA  . GLU A 1 17 ? -1.734  10.267  10.406  1.00 10.30 ? 36   GLU A CA  1 
ATOM   119 C  C   . GLU A 1 17 ? -1.085  9.589   11.578  1.00 10.54 ? 36   GLU A C   1 
ATOM   120 O  O   . GLU A 1 17 ? 0.059   9.884   11.894  1.00 10.18 ? 36   GLU A O   1 
ATOM   121 C  CB  . GLU A 1 17 ? -2.308  11.591  10.857  1.00 11.44 ? 36   GLU A CB  1 
ATOM   122 C  CG  . GLU A 1 17 ? -3.342  11.527  11.948  1.00 12.68 ? 36   GLU A CG  1 
ATOM   123 C  CD  . GLU A 1 17 ? -4.036  12.852  12.225  1.00 15.34 ? 36   GLU A CD  1 
ATOM   124 O  OE1 . GLU A 1 17 ? -4.010  13.794  11.397  1.00 18.51 ? 36   GLU A OE1 1 
ATOM   125 O  OE2 . GLU A 1 17 ? -4.700  12.901  13.281  1.00 18.08 ? 36   GLU A OE2 1 
ATOM   126 N  N   . ASN A 1 18 ? -1.735  8.555   12.123  1.00 9.20  ? 37   ASN A N   1 
ATOM   127 C  CA  . ASN A 1 18 ? -1.171  7.776   13.224  1.00 9.71  ? 37   ASN A CA  1 
ATOM   128 C  C   . ASN A 1 18 ? -0.581  6.437   12.848  1.00 9.82  ? 37   ASN A C   1 
ATOM   129 O  O   . ASN A 1 18 ? -0.204  5.626   13.726  1.00 11.19 ? 37   ASN A O   1 
ATOM   130 C  CB  . ASN A 1 18 ? -2.208  7.626   14.338  1.00 9.78  ? 37   ASN A CB  1 
ATOM   131 C  CG  . ASN A 1 18 ? -2.505  8.906   15.017  1.00 12.03 ? 37   ASN A CG  1 
ATOM   132 O  OD1 . ASN A 1 18 ? -1.602  9.701   15.311  1.00 10.42 ? 37   ASN A OD1 1 
ATOM   133 N  ND2 . ASN A 1 18 ? -3.770  9.155   15.273  1.00 14.83 ? 37   ASN A ND2 1 
ATOM   134 N  N   . CYS A 1 19 ? -0.408  6.244   11.564  1.00 9.44  ? 38   CYS A N   1 
ATOM   135 C  CA  . CYS A 1 19 ? 0.154   5.043   11.032  1.00 9.29  ? 38   CYS A CA  1 
ATOM   136 C  C   . CYS A 1 19 ? 1.315   5.389   10.120  1.00 9.59  ? 38   CYS A C   1 
ATOM   137 O  O   . CYS A 1 19 ? 2.453   5.177   10.474  1.00 9.89  ? 38   CYS A O   1 
ATOM   138 C  CB  . CYS A 1 19 ? -0.924  4.210   10.289  1.00 8.89  ? 38   CYS A CB  1 
ATOM   139 S  SG  . CYS A 1 19 ? -0.310  2.736   9.479   1.00 8.90  ? 38   CYS A SG  1 
ATOM   140 N  N   . LEU A 1 20 ? 1.067   5.891   8.916   1.00 8.65  ? 39   LEU A N   1 
ATOM   141 C  CA  . LEU A 1 20 ? 2.099   6.289   7.959   1.00 9.30  ? 39   LEU A CA  1 
ATOM   142 C  C   . LEU A 1 20 ? 3.003   5.138   7.526   1.00 10.74 ? 39   LEU A C   1 
ATOM   143 O  O   . LEU A 1 20 ? 4.112   5.342   7.028   1.00 10.99 ? 39   LEU A O   1 
ATOM   144 C  CB  . LEU A 1 20 ? 2.891   7.508   8.508   1.00 10.20 ? 39   LEU A CB  1 
ATOM   145 C  CG  . LEU A 1 20 ? 2.022   8.711   8.878   1.00 10.50 ? 39   LEU A CG  1 
ATOM   146 C  CD1 . LEU A 1 20 ? 2.864   9.813   9.506   1.00 11.07 ? 39   LEU A CD1 1 
ATOM   147 C  CD2 . LEU A 1 20 ? 1.365   9.266   7.649   1.00 11.30 ? 39   LEU A CD2 1 
ATOM   148 N  N   . LYS A 1 21 ? 2.541   3.899   7.689   1.00 9.68  ? 40   LYS A N   1 
ATOM   149 C  CA  . LYS A 1 21 ? 3.316   2.727   7.260   1.00 10.59 ? 40   LYS A CA  1 
ATOM   150 C  C   . LYS A 1 21 ? 3.351   2.569   5.737   1.00 10.14 ? 40   LYS A C   1 
ATOM   151 O  O   . LYS A 1 21 ? 2.418   2.909   5.052   1.00 10.14 ? 40   LYS A O   1 
ATOM   152 C  CB  . LYS A 1 21 ? 2.726   1.468   7.887   1.00 10.02 ? 40   LYS A CB  1 
ATOM   153 C  CG  . LYS A 1 21 ? 2.911   1.368   9.408   1.00 9.76  ? 40   LYS A CG  1 
ATOM   154 C  CD  . LYS A 1 21 ? 2.291   0.107   9.969   1.00 11.59 ? 40   LYS A CD  1 
ATOM   155 C  CE  . LYS A 1 21 ? 2.274   0.008   11.486  1.00 13.25 ? 40   LYS A CE  1 
ATOM   156 N  NZ  . LYS A 1 21 ? 1.592   1.135   12.172  1.00 14.07 ? 40   LYS A NZ  1 
ATOM   157 N  N   . TRP A 1 22 ? 4.442   1.980   5.217   1.00 10.31 ? 41   TRP A N   1 
ATOM   158 C  CA  . TRP A 1 22 ? 4.614   1.673   3.825   1.00 11.11 ? 41   TRP A CA  1 
ATOM   159 C  C   . TRP A 1 22 ? 4.225   0.188   3.637   1.00 9.73  ? 41   TRP A C   1 
ATOM   160 O  O   . TRP A 1 22 ? 4.723   -0.690  4.386   1.00 11.55 ? 41   TRP A O   1 
ATOM   161 C  CB  . TRP A 1 22 ? 6.067   1.924   3.374   1.00 12.57 ? 41   TRP A CB  1 
ATOM   162 C  CG  . TRP A 1 22 ? 6.365   3.377   3.320   1.00 12.01 ? 41   TRP A CG  1 
ATOM   163 C  CD1 . TRP A 1 22 ? 6.863   4.128   4.319   1.00 13.43 ? 41   TRP A CD1 1 
ATOM   164 C  CD2 . TRP A 1 22 ? 6.242   4.191   2.198   1.00 11.39 ? 41   TRP A CD2 1 
ATOM   165 N  NE1 . TRP A 1 22 ? 7.007   5.428   3.902   1.00 14.07 ? 41   TRP A NE1 1 
ATOM   166 C  CE2 . TRP A 1 22 ? 6.630   5.516   2.596   1.00 11.66 ? 41   TRP A CE2 1 
ATOM   167 C  CE3 . TRP A 1 22 ? 5.769   3.994   0.910   1.00 12.22 ? 41   TRP A CE3 1 
ATOM   168 C  CZ2 . TRP A 1 22 ? 6.617   6.574   1.717   1.00 12.36 ? 41   TRP A CZ2 1 
ATOM   169 C  CZ3 . TRP A 1 22 ? 5.741   5.016   0.065   1.00 12.10 ? 41   TRP A CZ3 1 
ATOM   170 C  CH2 . TRP A 1 22 ? 6.190   6.324   0.448   1.00 14.65 ? 41   TRP A CH2 1 
ATOM   171 N  N   . ARG A 1 23 ? 3.414   -0.031  2.621   1.00 10.26 ? 42   ARG A N   1 
ATOM   172 C  CA  . ARG A 1 23 ? 2.937   -1.351  2.237   1.00 9.78  ? 42   ARG A CA  1 
ATOM   173 C  C   . ARG A 1 23 ? 3.343   -1.705  0.822   1.00 10.23 ? 42   ARG A C   1 
ATOM   174 O  O   . ARG A 1 23 ? 3.307   -0.897  -0.080  1.00 10.56 ? 42   ARG A O   1 
ATOM   175 C  CB  . ARG A 1 23 ? 1.392   -1.412  2.349   1.00 10.24 ? 42   ARG A CB  1 
ATOM   176 C  CG  . ARG A 1 23 ? 0.873   -1.003  3.691   1.00 10.25 ? 42   ARG A CG  1 
ATOM   177 C  CD  . ARG A 1 23 ? 1.407   -1.832  4.812   1.00 10.56 ? 42   ARG A CD  1 
ATOM   178 N  NE  . ARG A 1 23 ? 0.665   -1.690  6.037   1.00 9.87  ? 42   ARG A NE  1 
ATOM   179 C  CZ  . ARG A 1 23 ? 0.977   -2.246  7.183   1.00 9.85  ? 42   ARG A CZ  1 
ATOM   180 N  NH1 . ARG A 1 23 ? 2.083   -2.980  7.276   1.00 11.51 ? 42   ARG A NH1 1 
ATOM   181 N  NH2 . ARG A 1 23 ? 0.189   -2.094  8.227   1.00 10.41 ? 42   ARG A NH2 1 
ATOM   182 N  N   . LEU A 1 24 ? 3.718   -2.976  0.616   1.00 10.73 ? 43   LEU A N   1 
ATOM   183 C  CA  . LEU A 1 24 ? 4.176   -3.468  -0.668  1.00 13.40 ? 43   LEU A CA  1 
ATOM   184 C  C   . LEU A 1 24 ? 3.015   -3.962  -1.480  1.00 13.27 ? 43   LEU A C   1 
ATOM   185 O  O   . LEU A 1 24 ? 2.315   -4.874  -1.026  1.00 13.97 ? 43   LEU A O   1 
ATOM   186 C  CB  . LEU A 1 24 ? 5.211   -4.578  -0.466  1.00 14.94 ? 43   LEU A CB  1 
ATOM   187 C  CG  . LEU A 1 24 ? 6.001   -4.969  -1.718  1.00 18.43 ? 43   LEU A CG  1 
ATOM   188 C  CD1 . LEU A 1 24 ? 6.637   -3.797  -2.439  1.00 19.62 ? 43   LEU A CD1 1 
ATOM   189 C  CD2 . LEU A 1 24 ? 6.982   -6.098  -1.411  1.00 19.77 ? 43   LEU A CD2 1 
ATOM   190 N  N   . LEU A 1 25 ? 2.782   -3.322  -2.603  1.00 11.69 ? 44   LEU A N   1 
ATOM   191 C  CA  . LEU A 1 25 ? 1.755   -3.748  -3.557  1.00 12.27 ? 44   LEU A CA  1 
ATOM   192 C  C   . LEU A 1 25 ? 2.401   -4.323  -4.824  1.00 12.47 ? 44   LEU A C   1 
ATOM   193 O  O   . LEU A 1 25 ? 3.475   -3.883  -5.240  1.00 13.11 ? 44   LEU A O   1 
ATOM   194 C  CB  . LEU A 1 25 ? 0.865   -2.586  -3.939  1.00 13.46 ? 44   LEU A CB  1 
ATOM   195 C  CG  . LEU A 1 25 ? -0.359  -2.348  -3.003  1.00 15.95 ? 44   LEU A CG  1 
ATOM   196 C  CD1 . LEU A 1 25 ? 0.006   -2.204  -1.548  1.00 15.90 ? 44   LEU A CD1 1 
ATOM   197 C  CD2 . LEU A 1 25 ? -1.211  -1.225  -3.513  1.00 18.10 ? 44   LEU A CD2 1 
ATOM   198 N  N   . SER A 1 26 ? 1.771   -5.292  -5.465  1.00 12.89 ? 45   SER A N   1 
ATOM   199 C  CA  . SER A 1 26 ? 2.117   -5.592  -6.851  1.00 13.54 ? 45   SER A CA  1 
ATOM   200 C  C   . SER A 1 26 ? 1.938   -4.342  -7.708  1.00 14.07 ? 45   SER A C   1 
ATOM   201 O  O   . SER A 1 26 ? 1.145   -3.413  -7.392  1.00 13.52 ? 45   SER A O   1 
ATOM   202 C  CB  . SER A 1 26 ? 1.263   -6.693  -7.413  1.00 15.57 ? 45   SER A CB  1 
ATOM   203 O  OG  . SER A 1 26 ? -0.093  -6.218  -7.535  1.00 15.75 ? 45   SER A OG  1 
ATOM   204 N  N   . SER A 1 27 ? 2.673   -4.256  -8.832  1.00 14.31 ? 46   SER A N   1 
ATOM   205 C  CA  . SER A 1 27 ? 2.477   -3.153  -9.716  1.00 15.23 ? 46   SER A CA  1 
ATOM   206 C  C   . SER A 1 27 ? 1.037   -3.081  -10.300 1.00 13.59 ? 46   SER A C   1 
ATOM   207 O  O   . SER A 1 27 ? 0.547   -1.994  -10.509 1.00 17.35 ? 46   SER A O   1 
ATOM   208 C  CB  . SER A 1 27 ? 3.563   -3.192  -10.814 1.00 18.84 ? 46   SER A CB  1 
ATOM   209 O  OG  . SER A 1 27 ? 3.401   -4.351  -11.603 1.00 23.01 ? 46   SER A OG  1 
ATOM   210 N  N   . GLU A 1 28 ? 0.406   -4.227  -10.526 1.00 17.11 ? 47   GLU A N   1 
ATOM   211 C  CA  . GLU A 1 28 ? -0.997  -4.286  -10.952 1.00 16.16 ? 47   GLU A CA  1 
ATOM   212 C  C   . GLU A 1 28 ? -1.912  -3.660  -9.908  1.00 16.38 ? 47   GLU A C   1 
ATOM   213 O  O   . GLU A 1 28 ? -2.717  -2.800  -10.227 1.00 16.73 ? 47   GLU A O   1 
ATOM   214 C  CB  . GLU A 1 28 ? -1.437  -5.726  -11.188 1.00 19.30 ? 47   GLU A CB  1 
ATOM   215 N  N   . ASP A 1 29 ? -1.724  -4.062  -8.653  1.00 14.04 ? 48   ASP A N   1 
ATOM   216 C  CA  . ASP A 1 29 ? -2.547  -3.462  -7.565  1.00 13.37 ? 48   ASP A CA  1 
ATOM   217 C  C   . ASP A 1 29 ? -2.295  -1.984  -7.412  1.00 13.49 ? 48   ASP A C   1 
ATOM   218 O  O   . ASP A 1 29 ? -3.217  -1.183  -7.181  1.00 12.95 ? 48   ASP A O   1 
ATOM   219 C  CB  . ASP A 1 29 ? -2.365  -4.213  -6.259  1.00 14.65 ? 48   ASP A CB  1 
ATOM   220 C  CG  . ASP A 1 29 ? -3.136  -5.555  -6.241  1.00 16.74 ? 48   ASP A CG  1 
ATOM   221 O  OD1 . ASP A 1 29 ? -4.029  -5.756  -7.073  1.00 21.95 ? 48   ASP A OD1 1 
ATOM   222 O  OD2 . ASP A 1 29 ? -2.828  -6.414  -5.432  1.00 23.83 ? 48   ASP A OD2 1 
ATOM   223 N  N   . SER A 1 30 ? -1.040  -1.534  -7.526  1.00 12.64 ? 49   SER A N   1 
ATOM   224 C  CA  A SER A 1 30 ? -0.764  -0.104  -7.411  0.60 13.82 ? 49   SER A CA  1 
ATOM   225 C  CA  B SER A 1 30 ? -0.779  -0.100  -7.406  0.40 13.52 ? 49   SER A CA  1 
ATOM   226 C  C   . SER A 1 30 ? -1.410  0.698   -8.549  1.00 13.12 ? 49   SER A C   1 
ATOM   227 O  O   . SER A 1 30 ? -1.863  1.837   -8.354  1.00 14.17 ? 49   SER A O   1 
ATOM   228 C  CB  A SER A 1 30 ? 0.751   0.126   -7.313  0.60 15.21 ? 49   SER A CB  1 
ATOM   229 C  CB  B SER A 1 30 ? 0.718   0.171   -7.294  0.40 14.33 ? 49   SER A CB  1 
ATOM   230 O  OG  A SER A 1 30 ? 1.362   0.025   -8.588  0.60 18.40 ? 49   SER A OG  1 
ATOM   231 O  OG  B SER A 1 30 ? 0.932   1.562   -7.155  0.40 15.91 ? 49   SER A OG  1 
ATOM   232 N  N   . ALA A 1 31 ? -1.483  0.083   -9.733  1.00 14.16 ? 50   ALA A N   1 
ATOM   233 C  CA  . ALA A 1 31 ? -2.128  0.701   -10.874 1.00 16.82 ? 50   ALA A CA  1 
ATOM   234 C  C   . ALA A 1 31 ? -3.634  0.878   -10.662 1.00 15.77 ? 50   ALA A C   1 
ATOM   235 O  O   . ALA A 1 31 ? -4.206  1.812   -11.241 1.00 20.04 ? 50   ALA A O   1 
ATOM   236 C  CB  . ALA A 1 31 ? -1.879  -0.113  -12.133 1.00 18.64 ? 50   ALA A CB  1 
ATOM   237 N  N   . LYS A 1 32 ? -4.206  0.038   -9.794  1.00 14.08 ? 51   LYS A N   1 
ATOM   238 C  CA  . LYS A 1 32 ? -5.632  0.095   -9.434  1.00 12.63 ? 51   LYS A CA  1 
ATOM   239 C  C   . LYS A 1 32 ? -5.971  1.083   -8.310  1.00 13.89 ? 51   LYS A C   1 
ATOM   240 O  O   . LYS A 1 32 ? -7.149  1.224   -7.970  1.00 15.36 ? 51   LYS A O   1 
ATOM   241 C  CB  . LYS A 1 32 ? -6.118  -1.292  -9.086  1.00 13.38 ? 51   LYS A CB  1 
ATOM   242 C  CG  . LYS A 1 32 ? -6.082  -2.273  -10.252 1.00 15.27 ? 51   LYS A CG  1 
ATOM   243 C  CD  . LYS A 1 32 ? -6.496  -3.626  -9.761  1.00 19.34 ? 51   LYS A CD  1 
ATOM   244 C  CE  . LYS A 1 32 ? -6.408  -4.705  -10.764 1.00 24.21 ? 51   LYS A CE  1 
ATOM   245 N  NZ  . LYS A 1 32 ? -6.566  -5.927  -9.930  1.00 24.24 ? 51   LYS A NZ  1 
ATOM   246 N  N   . VAL A 1 33 ? -4.979  1.753   -7.761  1.00 12.97 ? 52   VAL A N   1 
ATOM   247 C  CA  . VAL A 1 33 ? -5.215  2.811   -6.781  1.00 13.43 ? 52   VAL A CA  1 
ATOM   248 C  C   . VAL A 1 33 ? -5.555  4.124   -7.409  1.00 13.83 ? 52   VAL A C   1 
ATOM   249 O  O   . VAL A 1 33 ? -4.897  4.561   -8.350  1.00 16.28 ? 52   VAL A O   1 
ATOM   250 C  CB  . VAL A 1 33 ? -3.974  2.961   -5.852  1.00 13.92 ? 52   VAL A CB  1 
ATOM   251 C  CG1 . VAL A 1 33 ? -4.045  4.171   -4.941  1.00 13.36 ? 52   VAL A CG1 1 
ATOM   252 C  CG2 . VAL A 1 33 ? -3.760  1.688   -5.067  1.00 15.39 ? 52   VAL A CG2 1 
ATOM   253 N  N   . ASP A 1 34 ? -6.565  4.793   -6.845  1.00 15.50 ? 53   ASP A N   1 
ATOM   254 C  CA  . ASP A 1 34 ? -6.897  6.141   -7.254  1.00 15.10 ? 53   ASP A CA  1 
ATOM   255 C  C   . ASP A 1 34 ? -5.987  7.087   -6.466  1.00 19.24 ? 53   ASP A C   1 
ATOM   256 O  O   . ASP A 1 34 ? -6.222  7.347   -5.297  1.00 17.31 ? 53   ASP A O   1 
ATOM   257 C  CB  . ASP A 1 34 ? -8.369  6.428   -7.004  1.00 17.17 ? 53   ASP A CB  1 
ATOM   258 C  CG  . ASP A 1 34 ? -8.818  7.840   -7.453  1.00 19.31 ? 53   ASP A CG  1 
ATOM   259 O  OD1 . ASP A 1 34 ? -7.968  8.613   -7.899  1.00 20.63 ? 53   ASP A OD1 1 
ATOM   260 O  OD2 . ASP A 1 34 ? -10.022 8.146   -7.302  1.00 24.49 ? 53   ASP A OD2 1 
ATOM   261 N  N   A HIS A 1 35 ? -4.995  7.631   -7.165  0.70 22.31 ? 54   HIS A N   1 
ATOM   262 N  N   B HIS A 1 35 ? -4.900  7.540   -7.069  0.30 18.98 ? 54   HIS A N   1 
ATOM   263 C  CA  A HIS A 1 35 ? -4.070  8.662   -6.616  0.70 26.11 ? 54   HIS A CA  1 
ATOM   264 C  CA  B HIS A 1 35 ? -4.017  8.446   -6.331  0.30 19.87 ? 54   HIS A CA  1 
ATOM   265 C  C   A HIS A 1 35 ? -4.701  9.951   -6.165  0.70 26.10 ? 54   HIS A C   1 
ATOM   266 C  C   B HIS A 1 35 ? -4.589  9.953   -6.296  0.30 22.57 ? 54   HIS A C   1 
ATOM   267 O  O   A HIS A 1 35 ? -4.159  10.690  -5.341  0.70 25.64 ? 54   HIS A O   1 
ATOM   268 O  O   B HIS A 1 35 ? -3.863  10.848  -5.873  0.30 24.27 ? 54   HIS A O   1 
ATOM   269 C  CB  A HIS A 1 35 ? -3.052  9.017   -7.687  0.70 29.29 ? 54   HIS A CB  1 
ATOM   270 C  CB  B HIS A 1 35 ? -2.514  8.246   -6.776  0.30 18.87 ? 54   HIS A CB  1 
ATOM   271 C  CG  A HIS A 1 35 ? -2.102  7.910   -7.959  0.70 33.30 ? 54   HIS A CG  1 
ATOM   272 C  CG  B HIS A 1 35 ? -1.991  6.820   -6.662  0.30 18.28 ? 54   HIS A CG  1 
ATOM   273 N  ND1 A HIS A 1 35 ? -0.976  7.710   -7.196  0.70 35.80 ? 54   HIS A ND1 1 
ATOM   274 N  ND1 B HIS A 1 35 ? -1.354  6.333   -5.534  0.30 18.21 ? 54   HIS A ND1 1 
ATOM   275 C  CD2 A HIS A 1 35 ? -2.126  6.919   -8.880  0.70 34.66 ? 54   HIS A CD2 1 
ATOM   276 C  CD2 B HIS A 1 35 ? -1.986  5.794   -7.551  0.30 18.16 ? 54   HIS A CD2 1 
ATOM   277 C  CE1 A HIS A 1 35 ? -0.326  6.656   -7.658  0.70 37.04 ? 54   HIS A CE1 1 
ATOM   278 C  CE1 B HIS A 1 35 ? -1.000  5.075   -5.727  0.30 17.37 ? 54   HIS A CE1 1 
ATOM   279 N  NE2 A HIS A 1 35 ? -1.006  6.154   -8.673  0.70 37.84 ? 54   HIS A NE2 1 
ATOM   280 N  NE2 B HIS A 1 35 ? -1.364  4.724   -6.949  0.30 16.97 ? 54   HIS A NE2 1 
ATOM   281 N  N   . ASP A 1 36 ? -5.864  10.226  -6.691  1.00 24.69 ? 55   ASP A N   1 
ATOM   282 C  CA  . ASP A 1 36 ? -6.593  11.435  -6.298  1.00 29.76 ? 55   ASP A CA  1 
ATOM   283 C  C   . ASP A 1 36 ? -7.274  11.334  -4.918  1.00 29.09 ? 55   ASP A C   1 
ATOM   284 O  O   . ASP A 1 36 ? -7.895  12.322  -4.450  1.00 28.03 ? 55   ASP A O   1 
ATOM   285 C  CB  . ASP A 1 36 ? -7.680  11.804  -7.334  1.00 38.10 ? 55   ASP A CB  1 
ATOM   286 C  CG  . ASP A 1 36 ? -7.107  12.282  -8.666  1.00 45.08 ? 55   ASP A CG  1 
ATOM   287 O  OD1 . ASP A 1 36 ? -5.943  12.745  -8.707  1.00 50.31 ? 55   ASP A OD1 1 
ATOM   288 O  OD2 . ASP A 1 36 ? -7.858  12.207  -9.678  1.00 48.79 ? 55   ASP A OD2 1 
ATOM   289 N  N   . GLU A 1 37 ? -7.216  10.148  -4.291  1.00 19.43 ? 56   GLU A N   1 
ATOM   290 C  CA  . GLU A 1 37 ? -7.805  9.950   -2.989  1.00 18.72 ? 56   GLU A CA  1 
ATOM   291 C  C   . GLU A 1 37 ? -6.730  9.399   -2.066  1.00 14.40 ? 56   GLU A C   1 
ATOM   292 O  O   . GLU A 1 37 ? -5.819  8.737   -2.492  1.00 13.61 ? 56   GLU A O   1 
ATOM   293 C  CB  . GLU A 1 37 ? -8.908  8.904   -3.050  1.00 19.09 ? 56   GLU A CB  1 
ATOM   294 C  CG  . GLU A 1 37 ? -10.129 9.293   -3.864  1.00 26.19 ? 56   GLU A CG  1 
ATOM   295 C  CD  . GLU A 1 37 ? -10.957 10.381  -3.223  1.00 28.12 ? 56   GLU A CD  1 
ATOM   296 O  OE1 . GLU A 1 37 ? -10.693 10.845  -2.085  1.00 28.83 ? 56   GLU A OE1 1 
ATOM   297 O  OE2 . GLU A 1 37 ? -11.924 10.782  -3.880  1.00 36.50 ? 56   GLU A OE2 1 
ATOM   298 N  N   . PRO A 1 38 ? -6.901  9.577   -0.759  1.00 11.71 ? 57   PRO A N   1 
ATOM   299 C  CA  . PRO A 1 38 ? -5.969  8.960   0.150   1.00 11.24 ? 57   PRO A CA  1 
ATOM   300 C  C   . PRO A 1 38 ? -6.002  7.448   0.116   1.00 10.06 ? 57   PRO A C   1 
ATOM   301 O  O   . PRO A 1 38 ? -7.034  6.829   -0.242  1.00 10.69 ? 57   PRO A O   1 
ATOM   302 C  CB  . PRO A 1 38 ? -6.456  9.441   1.550   1.00 12.98 ? 57   PRO A CB  1 
ATOM   303 C  CG  . PRO A 1 38 ? -7.355  10.555  1.281   1.00 14.78 ? 57   PRO A CG  1 
ATOM   304 C  CD  . PRO A 1 38 ? -7.955  10.340  -0.056  1.00 14.68 ? 57   PRO A CD  1 
ATOM   305 N  N   . TRP A 1 39 ? -4.859  6.859   0.410   1.00 9.01  ? 58   TRP A N   1 
ATOM   306 C  CA  . TRP A 1 39 ? -4.776  5.413   0.521   1.00 8.11  ? 58   TRP A CA  1 
ATOM   307 C  C   . TRP A 1 39 ? -4.502  5.054   1.975   1.00 8.49  ? 58   TRP A C   1 
ATOM   308 O  O   . TRP A 1 39 ? -3.712  5.726   2.624   1.00 8.19  ? 58   TRP A O   1 
ATOM   309 C  CB  . TRP A 1 39 ? -3.662  4.874   -0.371  1.00 8.85  ? 58   TRP A CB  1 
ATOM   310 C  CG  . TRP A 1 39 ? -3.635  3.382   -0.517  1.00 8.01  ? 58   TRP A CG  1 
ATOM   311 C  CD1 . TRP A 1 39 ? -4.325  2.626   -1.462  1.00 9.16  ? 58   TRP A CD1 1 
ATOM   312 C  CD2 . TRP A 1 39 ? -2.959  2.437   0.326   1.00 8.45  ? 58   TRP A CD2 1 
ATOM   313 N  NE1 . TRP A 1 39 ? -4.118  1.311   -1.244  1.00 8.99  ? 58   TRP A NE1 1 
ATOM   314 C  CE2 . TRP A 1 39 ? -3.257  1.139   -0.190  1.00 8.69  ? 58   TRP A CE2 1 
ATOM   315 C  CE3 . TRP A 1 39 ? -2.094  2.541   1.433   1.00 8.88  ? 58   TRP A CE3 1 
ATOM   316 C  CZ2 . TRP A 1 39 ? -2.744  -0.028  0.399   1.00 9.03  ? 58   TRP A CZ2 1 
ATOM   317 C  CZ3 . TRP A 1 39 ? -1.597  1.380   1.983   1.00 9.47  ? 58   TRP A CZ3 1 
ATOM   318 C  CH2 . TRP A 1 39 ? -1.952  0.108   1.492   1.00 9.78  ? 58   TRP A CH2 1 
ATOM   319 N  N   . TYR A 1 40 ? -5.135  3.978   2.464   1.00 7.20  ? 59   TYR A N   1 
ATOM   320 C  CA  . TYR A 1 40 ? -4.989  3.480   3.843   1.00 7.54  ? 59   TYR A CA  1 
ATOM   321 C  C   . TYR A 1 40 ? -4.733  1.984   3.838   1.00 7.67  ? 59   TYR A C   1 
ATOM   322 O  O   . TYR A 1 40 ? -5.145  1.269   2.924   1.00 7.96  ? 59   TYR A O   1 
ATOM   323 C  CB  . TYR A 1 40 ? -6.289  3.769   4.637   1.00 7.72  ? 59   TYR A CB  1 
ATOM   324 C  CG  . TYR A 1 40 ? -6.687  5.209   4.660   1.00 7.89  ? 59   TYR A CG  1 
ATOM   325 C  CD1 . TYR A 1 40 ? -5.932  6.114   5.404   1.00 8.42  ? 59   TYR A CD1 1 
ATOM   326 C  CD2 . TYR A 1 40 ? -7.770  5.707   3.950   1.00 7.91  ? 59   TYR A CD2 1 
ATOM   327 C  CE1 . TYR A 1 40 ? -6.249  7.470   5.422   1.00 9.26  ? 59   TYR A CE1 1 
ATOM   328 C  CE2 . TYR A 1 40 ? -8.125  7.032   3.967   1.00 8.87  ? 59   TYR A CE2 1 
ATOM   329 C  CZ  . TYR A 1 40 ? -7.367  7.924   4.725   1.00 9.43  ? 59   TYR A CZ  1 
ATOM   330 O  OH  . TYR A 1 40 ? -7.660  9.267   4.774   1.00 11.00 ? 59   TYR A OH  1 
ATOM   331 N  N   . CYS A 1 41 ? -4.157  1.482   4.915   1.00 7.00  ? 60   CYS A N   1 
ATOM   332 C  CA  . CYS A 1 41 ? -3.878  0.048   5.053   1.00 7.49  ? 60   CYS A CA  1 
ATOM   333 C  C   . CYS A 1 41 ? -5.077  -0.804  4.743   1.00 8.33  ? 60   CYS A C   1 
ATOM   334 O  O   . CYS A 1 41 ? -4.901  -1.849  4.100   1.00 8.75  ? 60   CYS A O   1 
ATOM   335 C  CB  . CYS A 1 41 ? -3.388  -0.355  6.453   1.00 7.22  ? 60   CYS A CB  1 
ATOM   336 S  SG  . CYS A 1 41 ? -1.745  0.358   6.906   1.00 9.14  ? 60   CYS A SG  1 
ATOM   337 N  N   . PHE A 1 42 ? -6.251  -0.435  5.216   1.00 8.51  ? 61   PHE A N   1 
ATOM   338 C  CA  . PHE A 1 42 ? -7.432  -1.268  4.961   1.00 10.05 ? 61   PHE A CA  1 
ATOM   339 C  C   . PHE A 1 42 ? -7.758  -1.470  3.501   1.00 9.69  ? 61   PHE A C   1 
ATOM   340 O  O   . PHE A 1 42 ? -8.542  -2.372  3.187   1.00 10.48 ? 61   PHE A O   1 
ATOM   341 C  CB  . PHE A 1 42 ? -8.653  -0.741  5.746   1.00 11.69 ? 61   PHE A CB  1 
ATOM   342 C  CG  . PHE A 1 42 ? -9.182  0.634   5.316   1.00 12.44 ? 61   PHE A CG  1 
ATOM   343 C  CD1 . PHE A 1 42 ? -9.826  0.765   4.142   1.00 14.59 ? 61   PHE A CD1 1 
ATOM   344 C  CD2 . PHE A 1 42 ? -9.088  1.747   6.144   1.00 17.70 ? 61   PHE A CD2 1 
ATOM   345 C  CE1 . PHE A 1 42 ? -10.383 1.978   3.715   1.00 18.92 ? 61   PHE A CE1 1 
ATOM   346 C  CE2 . PHE A 1 42 ? -9.639  2.967   5.713   1.00 15.81 ? 61   PHE A CE2 1 
ATOM   347 C  CZ  . PHE A 1 42 ? -10.261 3.040   4.506   1.00 15.90 ? 61   PHE A CZ  1 
ATOM   348 N  N   . MET A 1 43 ? -7.227  -0.676  2.584   1.00 8.98  ? 62   MET A N   1 
ATOM   349 C  CA  . MET A 1 43 ? -7.440  -0.794  1.130   1.00 9.08  ? 62   MET A CA  1 
ATOM   350 C  C   . MET A 1 43 ? -6.468  -1.830  0.518   1.00 9.54  ? 62   MET A C   1 
ATOM   351 O  O   . MET A 1 43 ? -6.576  -2.125  -0.674  1.00 11.76 ? 62   MET A O   1 
ATOM   352 C  CB  . MET A 1 43 ? -7.252  0.566   0.518   1.00 9.84  ? 62   MET A CB  1 
ATOM   353 C  CG  . MET A 1 43 ? -8.256  1.554   1.066   1.00 9.97  ? 62   MET A CG  1 
ATOM   354 S  SD  . MET A 1 43 ? -8.023  3.284   0.628   1.00 14.13 ? 62   MET A SD  1 
ATOM   355 C  CE  . MET A 1 43 ? -8.090  3.323   -1.100  1.00 16.81 ? 62   MET A CE  1 
ATOM   356 N  N   . ASN A 1 44 ? -5.531  -2.329  1.307   1.00 9.51  ? 63   ASN A N   1 
ATOM   357 C  CA  . ASN A 1 44 ? -4.567  -3.317  0.808   1.00 10.10 ? 63   ASN A CA  1 
ATOM   358 C  C   . ASN A 1 44 ? -5.295  -4.649  0.535   1.00 11.09 ? 63   ASN A C   1 
ATOM   359 O  O   . ASN A 1 44 ? -5.997  -5.140  1.430   1.00 10.16 ? 63   ASN A O   1 
ATOM   360 C  CB  . ASN A 1 44 ? -3.453  -3.498  1.784   1.00 10.54 ? 63   ASN A CB  1 
ATOM   361 C  CG  . ASN A 1 44 ? -2.202  -4.148  1.167   1.00 10.50 ? 63   ASN A CG  1 
ATOM   362 O  OD1 . ASN A 1 44 ? -2.212  -4.598  0.029   1.00 11.75 ? 63   ASN A OD1 1 
ATOM   363 N  ND2 . ASN A 1 44 ? -1.182  -4.248  1.970   1.00 10.99 ? 63   ASN A ND2 1 
ATOM   364 N  N   . THR A 1 45 ? -5.114  -5.194  -0.661  1.00 12.58 ? 64   THR A N   1 
ATOM   365 C  CA  . THR A 1 45 ? -5.591  -6.561  -1.030  1.00 13.90 ? 64   THR A CA  1 
ATOM   366 C  C   . THR A 1 45 ? -4.796  -7.669  -0.325  1.00 12.51 ? 64   THR A C   1 
ATOM   367 O  O   . THR A 1 45 ? -5.236  -8.813  -0.293  1.00 12.25 ? 64   THR A O   1 
ATOM   368 C  CB  . THR A 1 45 ? -5.472  -6.777  -2.600  1.00 16.96 ? 64   THR A CB  1 
ATOM   369 O  OG1 . THR A 1 45 ? -4.120  -6.578  -2.988  1.00 25.49 ? 64   THR A OG1 1 
ATOM   370 C  CG2 . THR A 1 45 ? -6.306  -5.777  -3.368  1.00 21.35 ? 64   THR A CG2 1 
ATOM   371 N  N   . ASP A 1 46 ? -3.618  -7.379  0.224   1.00 10.34 ? 65   ASP A N   1 
ATOM   372 C  CA  . ASP A 1 46 ? -2.836  -8.287  0.963   1.00 10.75 ? 65   ASP A CA  1 
ATOM   373 C  C   . ASP A 1 46 ? -3.337  -8.344  2.376   1.00 10.99 ? 65   ASP A C   1 
ATOM   374 O  O   . ASP A 1 46 ? -3.117  -7.441  3.182   1.00 11.63 ? 65   ASP A O   1 
ATOM   375 C  CB  . ASP A 1 46 ? -1.370  -7.872  0.875   1.00 11.71 ? 65   ASP A CB  1 
ATOM   376 C  CG  . ASP A 1 46 ? -0.429  -8.836  1.532   1.00 13.38 ? 65   ASP A CG  1 
ATOM   377 O  OD1 . ASP A 1 46 ? -0.807  -9.833  2.140   1.00 12.98 ? 65   ASP A OD1 1 
ATOM   378 O  OD2 . ASP A 1 46 ? 0.788   -8.528  1.472   1.00 16.69 ? 65   ASP A OD2 1 
ATOM   379 N  N   . SER A 1 47 ? -4.075  -9.415  2.700   1.00 11.35 ? 66   SER A N   1 
ATOM   380 C  CA  . SER A 1 47 ? -4.591  -9.610  4.041   1.00 11.93 ? 66   SER A CA  1 
ATOM   381 C  C   . SER A 1 47 ? -3.547  -9.734  5.178   1.00 11.89 ? 66   SER A C   1 
ATOM   382 O  O   . SER A 1 47 ? -3.949  -9.649  6.338   1.00 13.35 ? 66   SER A O   1 
ATOM   383 C  CB  . SER A 1 47 ? -5.488  -10.862 4.029   1.00 13.40 ? 66   SER A CB  1 
ATOM   384 O  OG  . SER A 1 47 ? -6.590  -10.623 3.198   1.00 17.75 ? 66   SER A OG  1 
ATOM   385 N  N   . ARG A 1 48 ? -2.268  -9.932  4.837   1.00 12.57 ? 67   ARG A N   1 
ATOM   386 C  CA  . ARG A 1 48 ? -1.197  -9.963  5.831   1.00 14.40 ? 67   ARG A CA  1 
ATOM   387 C  C   . ARG A 1 48 ? -0.831  -8.569  6.311   1.00 14.69 ? 67   ARG A C   1 
ATOM   388 O  O   . ARG A 1 48 ? -0.273  -8.431  7.388   1.00 15.90 ? 67   ARG A O   1 
ATOM   389 C  CB  . ARG A 1 48 ? 0.012   -10.623 5.247   1.00 14.28 ? 67   ARG A CB  1 
ATOM   390 C  CG  . ARG A 1 48 ? -0.260  -12.095 4.860   1.00 16.24 ? 67   ARG A CG  1 
ATOM   391 C  CD  . ARG A 1 48 ? 0.962   -12.631 4.157   1.00 19.12 ? 67   ARG A CD  1 
ATOM   392 N  NE  . ARG A 1 48 ? 1.237   -11.793 2.999   1.00 22.79 ? 67   ARG A NE  1 
ATOM   393 C  CZ  . ARG A 1 48 ? 2.425   -11.571 2.443   1.00 31.84 ? 67   ARG A CZ  1 
ATOM   394 N  NH1 . ARG A 1 48 ? 3.534   -12.136 2.928   1.00 38.49 ? 67   ARG A NH1 1 
ATOM   395 N  NH2 . ARG A 1 48 ? 2.498   -10.782 1.387   1.00 37.07 ? 67   ARG A NH2 1 
ATOM   396 N  N   . TYR A 1 49 ? -1.218  -7.542  5.547   1.00 13.69 ? 68   TYR A N   1 
ATOM   397 C  CA  . TYR A 1 49 ? -0.733  -6.155  5.811   1.00 13.83 ? 68   TYR A CA  1 
ATOM   398 C  C   . TYR A 1 49 ? -1.818  -5.129  5.513   1.00 12.12 ? 68   TYR A C   1 
ATOM   399 O  O   . TYR A 1 49 ? -1.565  -4.100  4.886   1.00 12.00 ? 68   TYR A O   1 
ATOM   400 C  CB  . TYR A 1 49 ? 0.523   -5.900  5.005   1.00 14.41 ? 68   TYR A CB  1 
ATOM   401 C  CG  . TYR A 1 49 ? 1.677   -6.826  5.378   1.00 14.62 ? 68   TYR A CG  1 
ATOM   402 C  CD1 . TYR A 1 49 ? 2.319   -6.672  6.593   1.00 19.14 ? 68   TYR A CD1 1 
ATOM   403 C  CD2 . TYR A 1 49 ? 2.066   -7.842  4.551   1.00 15.65 ? 68   TYR A CD2 1 
ATOM   404 C  CE1 . TYR A 1 49 ? 3.356   -7.510  6.960   1.00 21.68 ? 68   TYR A CE1 1 
ATOM   405 C  CE2 . TYR A 1 49 ? 3.088   -8.705  4.914   1.00 17.35 ? 68   TYR A CE2 1 
ATOM   406 C  CZ  . TYR A 1 49 ? 3.707   -8.540  6.129   1.00 21.18 ? 68   TYR A CZ  1 
ATOM   407 O  OH  . TYR A 1 49 ? 4.779   -9.346  6.541   1.00 26.90 ? 68   TYR A OH  1 
ATOM   408 N  N   . ASN A 1 50 ? -3.034  -5.461  5.948   1.00 11.41 ? 69   ASN A N   1 
ATOM   409 C  CA  . ASN A 1 50 ? -4.213  -4.638  5.646   1.00 11.91 ? 69   ASN A CA  1 
ATOM   410 C  C   . ASN A 1 50 ? -4.834  -3.941  6.809   1.00 12.31 ? 69   ASN A C   1 
ATOM   411 O  O   . ASN A 1 50 ? -6.020  -3.628  6.799   1.00 11.46 ? 69   ASN A O   1 
ATOM   412 C  CB  . ASN A 1 50 ? -5.267  -5.479  4.954   1.00 12.45 ? 69   ASN A CB  1 
ATOM   413 C  CG  . ASN A 1 50 ? -5.886  -6.489  5.870   1.00 13.32 ? 69   ASN A CG  1 
ATOM   414 O  OD1 . ASN A 1 50 ? -5.403  -6.764  6.996   1.00 15.40 ? 69   ASN A OD1 1 
ATOM   415 N  ND2 . ASN A 1 50 ? -7.033  -7.005  5.442   1.00 17.87 ? 69   ASN A ND2 1 
ATOM   416 N  N   . ASN A 1 51 ? -4.014  -3.684  7.852   1.00 12.30 ? 70   ASN A N   1 
ATOM   417 C  CA  . ASN A 1 51 ? -4.501  -3.091  9.065   1.00 11.77 ? 70   ASN A CA  1 
ATOM   418 C  C   . ASN A 1 51 ? -3.392  -2.259  9.681   1.00 10.47 ? 70   ASN A C   1 
ATOM   419 O  O   . ASN A 1 51 ? -2.265  -2.711  9.660   1.00 12.42 ? 70   ASN A O   1 
ATOM   420 C  CB  . ASN A 1 51 ? -4.875  -4.262  10.000  1.00 15.17 ? 70   ASN A CB  1 
ATOM   421 C  CG  . ASN A 1 51 ? -5.526  -3.825  11.278  1.00 17.61 ? 70   ASN A CG  1 
ATOM   422 O  OD1 . ASN A 1 51 ? -4.878  -3.176  12.125  1.00 16.92 ? 70   ASN A OD1 1 
ATOM   423 N  ND2 . ASN A 1 51 ? -6.786  -4.205  11.473  1.00 20.15 ? 70   ASN A ND2 1 
ATOM   424 N  N   . CYS A 1 52 ? -3.729  -1.043  10.125  1.00 11.20 ? 71   CYS A N   1 
ATOM   425 C  CA  . CYS A 1 52 ? -2.703  -0.098  10.681  1.00 11.05 ? 71   CYS A CA  1 
ATOM   426 C  C   . CYS A 1 52 ? -1.986  -0.664  11.902  1.00 13.18 ? 71   CYS A C   1 
ATOM   427 O  O   . CYS A 1 52 ? -0.895  -0.163  12.225  1.00 14.96 ? 71   CYS A O   1 
ATOM   428 C  CB  . CYS A 1 52 ? -3.336  1.228   10.978  1.00 9.93  ? 71   CYS A CB  1 
ATOM   429 S  SG  . CYS A 1 52 ? -4.038  2.083   9.539   1.00 10.47 ? 71   CYS A SG  1 
ATOM   430 N  N   . SER A 1 53 ? -2.543  -1.683  12.571  1.00 13.28 ? 72   SER A N   1 
ATOM   431 C  CA  A SER A 1 53 ? -1.860  -2.262  13.733  0.50 14.79 ? 72   SER A CA  1 
ATOM   432 C  CA  B SER A 1 53 ? -1.865  -2.297  13.730  0.50 15.37 ? 72   SER A CA  1 
ATOM   433 C  C   . SER A 1 53 ? -0.770  -3.265  13.385  1.00 17.62 ? 72   SER A C   1 
ATOM   434 O  O   . SER A 1 53 ? 0.021   -3.664  14.278  1.00 19.62 ? 72   SER A O   1 
ATOM   435 C  CB  A SER A 1 53 ? -2.880  -2.869  14.696  0.50 15.16 ? 72   SER A CB  1 
ATOM   436 C  CB  B SER A 1 53 ? -2.858  -3.015  14.638  0.50 16.82 ? 72   SER A CB  1 
ATOM   437 O  OG  A SER A 1 53 ? -3.475  -4.023  14.119  0.50 16.01 ? 72   SER A OG  1 
ATOM   438 O  OG  B SER A 1 53 ? -3.786  -2.116  15.170  0.50 18.95 ? 72   SER A OG  1 
ATOM   439 N  N   . ILE A 1 54 ? -0.699  -3.697  12.141  1.00 14.82 ? 73   ILE A N   1 
ATOM   440 C  CA  . ILE A 1 54 ? 0.281   -4.674  11.717  1.00 16.15 ? 73   ILE A CA  1 
ATOM   441 C  C   . ILE A 1 54 ? 1.562   -3.979  11.321  1.00 15.45 ? 73   ILE A C   1 
ATOM   442 O  O   . ILE A 1 54 ? 1.544   -3.047  10.501  1.00 13.90 ? 73   ILE A O   1 
ATOM   443 C  CB  . ILE A 1 54 ? -0.264  -5.516  10.513  1.00 16.53 ? 73   ILE A CB  1 
ATOM   444 C  CG1 . ILE A 1 54 ? -1.552  -6.204  10.907  1.00 18.25 ? 73   ILE A CG1 1 
ATOM   445 C  CG2 . ILE A 1 54 ? 0.765   -6.532  10.033  1.00 18.07 ? 73   ILE A CG2 1 
ATOM   446 C  CD1 . ILE A 1 54 ? -2.280  -6.843  9.711   1.00 17.38 ? 73   ILE A CD1 1 
ATOM   447 N  N   . SER A 1 55 ? 2.708   -4.406  11.882  1.00 18.06 ? 74   SER A N   1 
ATOM   448 C  CA  . SER A 1 55 ? 3.991   -3.828  11.483  1.00 19.25 ? 74   SER A CA  1 
ATOM   449 C  C   . SER A 1 55 ? 4.333   -3.903  10.016  1.00 18.22 ? 74   SER A C   1 
ATOM   450 O  O   . SER A 1 55 ? 3.844   -4.774  9.308   1.00 17.39 ? 74   SER A O   1 
ATOM   451 C  CB  . SER A 1 55 ? 5.117   -4.505  12.287  1.00 23.59 ? 74   SER A CB  1 
ATOM   452 O  OG  . SER A 1 55 ? 4.925   -4.130  13.635  1.00 27.90 ? 74   SER A OG  1 
ATOM   453 N  N   . GLU A 1 56 ? 5.203   -3.016  9.570   1.00 17.86 ? 75   GLU A N   1 
ATOM   454 C  CA  . GLU A 1 56 ? 5.698   -3.020  8.204   1.00 21.28 ? 75   GLU A CA  1 
ATOM   455 C  C   . GLU A 1 56 ? 6.393   -4.344  7.865   1.00 23.31 ? 75   GLU A C   1 
ATOM   456 O  O   . GLU A 1 56 ? 7.059   -4.941  8.720   1.00 25.43 ? 75   GLU A O   1 
ATOM   457 C  CB  . GLU A 1 56 ? 6.607   -1.801  7.936   1.00 24.99 ? 75   GLU A CB  1 
ATOM   458 C  CG  . GLU A 1 56 ? 5.745   -0.544  7.836   1.00 25.88 ? 75   GLU A CG  1 
ATOM   459 C  CD  . GLU A 1 56 ? 6.480   0.748   8.017   1.00 27.80 ? 75   GLU A CD  1 
ATOM   460 O  OE1 . GLU A 1 56 ? 6.634   1.506   7.039   1.00 19.54 ? 75   GLU A OE1 1 
ATOM   461 O  OE2 . GLU A 1 56 ? 6.834   1.007   9.192   1.00 41.41 ? 75   GLU A OE2 1 
ATOM   462 N  N   . GLU A 1 57 ? 6.175   -4.800  6.634   1.00 22.71 ? 76   GLU A N   1 
ATOM   463 C  CA  . GLU A 1 57 ? 6.803   -6.006  6.071   1.00 24.00 ? 76   GLU A CA  1 
ATOM   464 C  C   . GLU A 1 57 ? 8.305   -5.864  5.938   1.00 30.37 ? 76   GLU A C   1 
ATOM   465 O  O   . GLU A 1 57 ? 8.783   -4.875  5.389   1.00 31.38 ? 76   GLU A O   1 
ATOM   466 C  CB  . GLU A 1 57 ? 6.246   -6.254  4.681   1.00 25.63 ? 76   GLU A CB  1 
ATOM   467 C  CG  . GLU A 1 57 ? 6.714   -7.547  4.034   1.00 25.20 ? 76   GLU A CG  1 
ATOM   468 C  CD  . GLU A 1 57 ? 5.968   -7.865  2.754   1.00 28.35 ? 76   GLU A CD  1 
ATOM   469 O  OE1 . GLU A 1 57 ? 5.218   -6.999  2.229   1.00 23.81 ? 76   GLU A OE1 1 
ATOM   470 O  OE2 . GLU A 1 57 ? 6.148   -9.016  2.251   1.00 31.18 ? 76   GLU A OE2 1 
ATOM   471 N  N   A ASP A 1 58 ? 9.030   -6.893  6.371   0.50 31.62 ? 77   ASP A N   1 
ATOM   472 C  CA  A ASP A 1 58 ? 10.446  -7.045  6.049   0.50 35.09 ? 77   ASP A CA  1 
ATOM   473 C  C   A ASP A 1 58 ? 10.594  -7.852  4.762   0.50 36.32 ? 77   ASP A C   1 
ATOM   474 O  O   A ASP A 1 58 ? 10.445  -7.317  3.663   0.50 35.94 ? 77   ASP A O   1 
ATOM   475 C  CB  A ASP A 1 58 ? 11.153  -7.772  7.179   0.50 36.38 ? 77   ASP A CB  1 
ATOM   476 C  CG  A ASP A 1 58 ? 10.992  -7.075  8.499   0.50 35.90 ? 77   ASP A CG  1 
ATOM   477 O  OD1 A ASP A 1 58 ? 11.419  -5.902  8.615   0.50 34.60 ? 77   ASP A OD1 1 
ATOM   478 O  OD2 A ASP A 1 58 ? 10.441  -7.698  9.430   0.50 37.60 ? 77   ASP A OD2 1 
HETATM 479 ZN ZN  . ZN  B 2 .  ? -2.159  2.279   8.177   1.00 8.81  ? 1001 ZN  A ZN  1 
HETATM 480 NA NA  . NA  C 3 .  ? -1.773  11.823  16.629  0.33 15.20 ? 1002 NA  A NA  1 
HETATM 481 X  UNK . UNX D 4 .  ? 10.160  -7.952  -7.438  1.00 16.35 ? 1003 UNX A UNK 1 
HETATM 482 X  UNK . UNX E 4 .  ? 10.434  -5.798  -6.508  1.00 20.02 ? 1004 UNX A UNK 1 
HETATM 483 X  UNK . UNX F 4 .  ? 3.280   -7.925  -2.679  1.00 28.07 ? 1005 UNX A UNK 1 
HETATM 484 X  UNK . UNX G 4 .  ? -4.692  -7.354  -12.222 1.00 23.55 ? 1006 UNX A UNK 1 
HETATM 485 X  UNK . UNX H 4 .  ? -1.800  3.390   14.400  1.00 31.59 ? 1007 UNX A UNK 1 
HETATM 486 X  UNK . UNX I 4 .  ? 0.682   -10.293 9.233   1.00 38.13 ? 1008 UNX A UNK 1 
HETATM 487 X  UNK . UNX J 4 .  ? -9.723  -5.348  -0.070  1.00 37.27 ? 1009 UNX A UNK 1 
HETATM 488 X  UNK . UNX K 4 .  ? 10.005  1.851   1.395   1.00 37.36 ? 1010 UNX A UNK 1 
HETATM 489 X  UNK . UNX L 4 .  ? -7.684  -0.627  9.773   1.00 26.34 ? 1011 UNX A UNK 1 
HETATM 490 O  O   . HOH M 5 .  ? 3.846   -7.251  -11.387 1.00 33.43 ? 1101 HOH A O   1 
HETATM 491 O  O   . HOH M 5 .  ? 1.407   2.245   -9.753  1.00 31.22 ? 1102 HOH A O   1 
HETATM 492 O  O   . HOH M 5 .  ? -1.459  6.509   -3.012  1.00 24.48 ? 1103 HOH A O   1 
HETATM 493 O  O   . HOH M 5 .  ? -3.620  -4.028  -2.749  1.00 23.34 ? 1104 HOH A O   1 
HETATM 494 O  O   . HOH M 5 .  ? 17.262  -3.941  -21.183 1.00 13.95 ? 1105 HOH A O   1 
HETATM 495 O  O   . HOH M 5 .  ? -0.504  -6.479  -4.208  1.00 16.94 ? 1106 HOH A O   1 
HETATM 496 O  O   . HOH M 5 .  ? -7.611  -6.918  2.511   1.00 30.46 ? 1107 HOH A O   1 
HETATM 497 O  O   . HOH M 5 .  ? -3.940  12.079  -0.605  1.00 27.12 ? 1108 HOH A O   1 
HETATM 498 O  O   . HOH M 5 .  ? -2.568  12.155  6.531   1.00 29.59 ? 1109 HOH A O   1 
HETATM 499 O  O   . HOH M 5 .  ? -5.839  11.145  5.431   1.00 30.13 ? 1110 HOH A O   1 
HETATM 500 O  O   . HOH M 5 .  ? 3.691   -4.861  2.864   1.00 12.25 ? 1111 HOH A O   1 
HETATM 501 O  O   . HOH M 5 .  ? -9.932  10.348  3.782   1.00 12.39 ? 1112 HOH A O   1 
HETATM 502 O  O   . HOH M 5 .  ? -10.149 -4.418  3.965   1.00 32.04 ? 1113 HOH A O   1 
HETATM 503 O  O   . HOH M 5 .  ? 3.337   3.341   12.270  1.00 15.53 ? 1114 HOH A O   1 
HETATM 504 O  O   . HOH M 5 .  ? 1.605   0.297   14.757  1.00 30.14 ? 1115 HOH A O   1 
HETATM 505 O  O   . HOH M 5 .  ? 2.018   4.261   14.502  1.00 18.96 ? 1116 HOH A O   1 
HETATM 506 O  O   . HOH M 5 .  ? 1.042   10.843  14.244  0.33 11.37 ? 1117 HOH A O   1 
HETATM 507 O  O   . HOH M 5 .  ? 4.781   -2.401  -14.042 1.00 30.54 ? 1118 HOH A O   1 
HETATM 508 O  O   . HOH M 5 .  ? 1.774   0.300   -11.337 1.00 34.51 ? 1119 HOH A O   1 
HETATM 509 O  O   . HOH M 5 .  ? 9.619   -1.649  -5.670  1.00 17.06 ? 1120 HOH A O   1 
HETATM 510 O  O   . HOH M 5 .  ? -5.441  -0.832  -2.807  1.00 22.18 ? 1121 HOH A O   1 
HETATM 511 O  O   . HOH M 5 .  ? 3.609   -8.171  0.345   1.00 31.36 ? 1122 HOH A O   1 
HETATM 512 O  O   . HOH M 5 .  ? 6.052   -0.676  11.211  1.00 26.46 ? 1123 HOH A O   1 
HETATM 513 O  O   . HOH M 5 .  ? -0.391  -5.838  -1.623  1.00 16.60 ? 1124 HOH A O   1 
HETATM 514 O  O   . HOH M 5 .  ? 1.361   -5.637  1.441   1.00 13.20 ? 1125 HOH A O   1 
HETATM 515 O  O   . HOH M 5 .  ? -3.077  4.211   -10.492 1.00 26.62 ? 1126 HOH A O   1 
HETATM 516 O  O   . HOH M 5 .  ? -9.737  7.103   0.230   1.00 18.95 ? 1127 HOH A O   1 
HETATM 517 O  O   . HOH M 5 .  ? -4.074  12.144  15.873  1.00 15.96 ? 1128 HOH A O   1 
HETATM 518 O  O   . HOH M 5 .  ? -11.203 -2.007  2.490   1.00 23.25 ? 1129 HOH A O   1 
HETATM 519 O  O   . HOH M 5 .  ? -6.798  -5.941  -6.935  1.00 25.67 ? 1130 HOH A O   1 
HETATM 520 O  O   . HOH M 5 .  ? 0.419   8.198   -4.481  1.00 36.47 ? 1131 HOH A O   1 
HETATM 521 O  O   . HOH M 5 .  ? -3.033  8.881   -2.479  1.00 28.61 ? 1132 HOH A O   1 
HETATM 522 O  O   . HOH M 5 .  ? -8.407  -3.368  8.231   1.00 18.41 ? 1133 HOH A O   1 
HETATM 523 O  O   . HOH M 5 .  ? -11.717 6.482   -5.813  1.00 32.71 ? 1134 HOH A O   1 
HETATM 524 O  O   . HOH M 5 .  ? 1.337   -6.847  -11.020 1.00 22.58 ? 1135 HOH A O   1 
HETATM 525 O  O   . HOH M 5 .  ? 4.253   -3.379  5.123   1.00 13.66 ? 1136 HOH A O   1 
HETATM 526 O  O   . HOH M 5 .  ? -6.467  5.777   -2.952  1.00 14.15 ? 1137 HOH A O   1 
HETATM 527 O  O   . HOH M 5 .  ? -12.300 10.031  0.135   1.00 26.16 ? 1138 HOH A O   1 
HETATM 528 O  O   . HOH M 5 .  ? 5.989   2.465   11.521  1.00 32.70 ? 1139 HOH A O   1 
HETATM 529 O  O   . HOH M 5 .  ? -6.544  1.128   7.664   1.00 18.27 ? 1140 HOH A O   1 
HETATM 530 O  O   . HOH M 5 .  ? -5.394  10.698  9.313   1.00 18.01 ? 1141 HOH A O   1 
HETATM 531 O  O   . HOH M 5 .  ? -6.700  -10.736 -1.949  1.00 26.23 ? 1142 HOH A O   1 
HETATM 532 O  O   . HOH M 5 .  ? -7.844  3.906   -4.361  1.00 12.55 ? 1143 HOH A O   1 
HETATM 533 O  O   . HOH M 5 .  ? 8.126   7.105   6.038   1.00 20.91 ? 1144 HOH A O   1 
HETATM 534 O  O   . HOH M 5 .  ? -4.409  4.186   14.007  1.00 17.18 ? 1145 HOH A O   1 
HETATM 535 O  O   . HOH M 5 .  ? 6.990   -1.447  -15.572 1.00 26.15 ? 1146 HOH A O   1 
HETATM 536 O  O   . HOH M 5 .  ? -6.783  10.809  13.543  1.00 25.55 ? 1147 HOH A O   1 
HETATM 537 O  O   . HOH M 5 .  ? -5.315  -2.069  -5.204  1.00 23.01 ? 1148 HOH A O   1 
HETATM 538 O  O   . HOH M 5 .  ? 2.674   -6.873  13.624  1.00 32.64 ? 1149 HOH A O   1 
HETATM 539 O  O   . HOH M 5 .  ? -7.727  -13.448 2.016   1.00 22.56 ? 1150 HOH A O   1 
HETATM 540 O  O   . HOH M 5 .  ? -10.448 -11.716 2.907   1.00 34.21 ? 1151 HOH A O   1 
HETATM 541 O  O   . HOH M 5 .  ? -7.672  -12.485 6.601   1.00 21.01 ? 1152 HOH A O   1 
HETATM 542 O  O   . HOH M 5 .  ? -9.198  -9.801  -0.750  1.00 34.06 ? 1153 HOH A O   1 
HETATM 543 O  O   . HOH M 5 .  ? -7.633  11.663  8.329   0.50 27.01 ? 1154 HOH A O   1 
HETATM 544 O  O   . HOH M 5 .  ? -11.290 5.852   -1.673  1.00 23.69 ? 1155 HOH A O   1 
HETATM 545 O  O   . HOH M 5 .  ? -8.261  -8.178  -6.088  0.33 22.02 ? 1156 HOH A O   1 
HETATM 546 O  O   . HOH M 5 .  ? -10.387 -7.485  -4.277  0.33 33.78 ? 1157 HOH A O   1 
# 
loop_
_pdbx_poly_seq_scheme.asym_id 
_pdbx_poly_seq_scheme.entity_id 
_pdbx_poly_seq_scheme.seq_id 
_pdbx_poly_seq_scheme.mon_id 
_pdbx_poly_seq_scheme.ndb_seq_num 
_pdbx_poly_seq_scheme.pdb_seq_num 
_pdbx_poly_seq_scheme.auth_seq_num 
_pdbx_poly_seq_scheme.pdb_mon_id 
_pdbx_poly_seq_scheme.auth_mon_id 
_pdbx_poly_seq_scheme.pdb_strand_id 
_pdbx_poly_seq_scheme.pdb_ins_code 
_pdbx_poly_seq_scheme.hetero 
A 1 1  GLY 1  20 ?  ?   ?   A . n 
A 1 2  VAL 2  21 ?  ?   ?   A . n 
A 1 3  GLU 3  22 ?  ?   ?   A . n 
A 1 4  ASN 4  23 23 ASN ASN A . n 
A 1 5  MET 5  24 24 MET MET A . n 
A 1 6  TYR 6  25 25 TYR TYR A . n 
A 1 7  VAL 7  26 26 VAL VAL A . n 
A 1 8  ASN 8  27 27 ASN ASN A . n 
A 1 9  LYS 9  28 28 LYS LYS A . n 
A 1 10 VAL 10 29 29 VAL VAL A . n 
A 1 11 TRP 11 30 30 TRP TRP A . n 
A 1 12 VAL 12 31 31 VAL VAL A . n 
A 1 13 GLN 13 32 32 GLN GLN A . n 
A 1 14 CYS 14 33 33 CYS CYS A . n 
A 1 15 GLU 15 34 34 GLU GLU A . n 
A 1 16 ASN 16 35 35 ASN ASN A . n 
A 1 17 GLU 17 36 36 GLU GLU A . n 
A 1 18 ASN 18 37 37 ASN ASN A . n 
A 1 19 CYS 19 38 38 CYS CYS A . n 
A 1 20 LEU 20 39 39 LEU LEU A . n 
A 1 21 LYS 21 40 40 LYS LYS A . n 
A 1 22 TRP 22 41 41 TRP TRP A . n 
A 1 23 ARG 23 42 42 ARG ARG A . n 
A 1 24 LEU 24 43 43 LEU LEU A . n 
A 1 25 LEU 25 44 44 LEU LEU A . n 
A 1 26 SER 26 45 45 SER SER A . n 
A 1 27 SER 27 46 46 SER SER A . n 
A 1 28 GLU 28 47 47 GLU GLU A . n 
A 1 29 ASP 29 48 48 ASP ASP A . n 
A 1 30 SER 30 49 49 SER SER A . n 
A 1 31 ALA 31 50 50 ALA ALA A . n 
A 1 32 LYS 32 51 51 LYS LYS A . n 
A 1 33 VAL 33 52 52 VAL VAL A . n 
A 1 34 ASP 34 53 53 ASP ASP A . n 
A 1 35 HIS 35 54 54 HIS HIS A . n 
A 1 36 ASP 36 55 55 ASP ASP A . n 
A 1 37 GLU 37 56 56 GLU GLU A . n 
A 1 38 PRO 38 57 57 PRO PRO A . n 
A 1 39 TRP 39 58 58 TRP TRP A . n 
A 1 40 TYR 40 59 59 TYR TYR A . n 
A 1 41 CYS 41 60 60 CYS CYS A . n 
A 1 42 PHE 42 61 61 PHE PHE A . n 
A 1 43 MET 43 62 62 MET MET A . n 
A 1 44 ASN 44 63 63 ASN ASN A . n 
A 1 45 THR 45 64 64 THR THR A . n 
A 1 46 ASP 46 65 65 ASP ASP A . n 
A 1 47 SER 47 66 66 SER SER A . n 
A 1 48 ARG 48 67 67 ARG ARG A . n 
A 1 49 TYR 49 68 68 TYR TYR A . n 
A 1 50 ASN 50 69 69 ASN ASN A . n 
A 1 51 ASN 51 70 70 ASN ASN A . n 
A 1 52 CYS 52 71 71 CYS CYS A . n 
A 1 53 SER 53 72 72 SER SER A . n 
A 1 54 ILE 54 73 73 ILE ILE A . n 
A 1 55 SER 55 74 74 SER SER A . n 
A 1 56 GLU 56 75 75 GLU GLU A . n 
A 1 57 GLU 57 76 76 GLU GLU A . n 
A 1 58 ASP 58 77 77 ASP ASP A . n 
A 1 59 ASP 59 78 ?  ?   ?   A . n 
# 
_pdbx_SG_project.id                    1 
_pdbx_SG_project.project_name          ? 
_pdbx_SG_project.full_name_of_center   'Structural Genomics Consortium' 
_pdbx_SG_project.initial_of_center     SGC 
# 
loop_
_pdbx_nonpoly_scheme.asym_id 
_pdbx_nonpoly_scheme.entity_id 
_pdbx_nonpoly_scheme.mon_id 
_pdbx_nonpoly_scheme.ndb_seq_num 
_pdbx_nonpoly_scheme.pdb_seq_num 
_pdbx_nonpoly_scheme.auth_seq_num 
_pdbx_nonpoly_scheme.pdb_mon_id 
_pdbx_nonpoly_scheme.auth_mon_id 
_pdbx_nonpoly_scheme.pdb_strand_id 
_pdbx_nonpoly_scheme.pdb_ins_code 
B 2 ZN  1  1001 1001 ZN  ZN  A . 
C 3 NA  1  1002 1    NA  NA  A . 
D 4 UNX 1  1003 1    UNX UNX A . 
E 4 UNX 1  1004 2    UNX UNX A . 
F 4 UNX 1  1005 3    UNX UNX A . 
G 4 UNX 1  1006 4    UNX UNX A . 
H 4 UNX 1  1007 5    UNX UNX A . 
I 4 UNX 1  1008 6    UNX UNX A . 
J 4 UNX 1  1009 7    UNX UNX A . 
K 4 UNX 1  1010 8    UNX UNX A . 
L 4 UNX 1  1011 9    UNX UNX A . 
M 5 HOH 1  1101 53   HOH HOH A . 
M 5 HOH 2  1102 62   HOH HOH A . 
M 5 HOH 3  1103 47   HOH HOH A . 
M 5 HOH 4  1104 26   HOH HOH A . 
M 5 HOH 5  1105 46   HOH HOH A . 
M 5 HOH 6  1106 13   HOH HOH A . 
M 5 HOH 7  1107 21   HOH HOH A . 
M 5 HOH 8  1108 45   HOH HOH A . 
M 5 HOH 9  1109 44   HOH HOH A . 
M 5 HOH 10 1110 69   HOH HOH A . 
M 5 HOH 11 1111 1    HOH HOH A . 
M 5 HOH 12 1112 31   HOH HOH A . 
M 5 HOH 13 1113 25   HOH HOH A . 
M 5 HOH 14 1114 15   HOH HOH A . 
M 5 HOH 15 1115 40   HOH HOH A . 
M 5 HOH 16 1116 11   HOH HOH A . 
M 5 HOH 17 1117 17   HOH HOH A . 
M 5 HOH 18 1118 55   HOH HOH A . 
M 5 HOH 19 1119 56   HOH HOH A . 
M 5 HOH 20 1120 66   HOH HOH A . 
M 5 HOH 21 1121 36   HOH HOH A . 
M 5 HOH 22 1122 65   HOH HOH A . 
M 5 HOH 23 1123 16   HOH HOH A . 
M 5 HOH 24 1124 7    HOH HOH A . 
M 5 HOH 25 1125 4    HOH HOH A . 
M 5 HOH 26 1126 57   HOH HOH A . 
M 5 HOH 27 1127 30   HOH HOH A . 
M 5 HOH 28 1128 51   HOH HOH A . 
M 5 HOH 29 1129 23   HOH HOH A . 
M 5 HOH 30 1130 59   HOH HOH A . 
M 5 HOH 31 1131 49   HOH HOH A . 
M 5 HOH 32 1132 48   HOH HOH A . 
M 5 HOH 33 1133 8    HOH HOH A . 
M 5 HOH 34 1134 67   HOH HOH A . 
M 5 HOH 35 1135 52   HOH HOH A . 
M 5 HOH 36 1136 6    HOH HOH A . 
M 5 HOH 37 1137 29   HOH HOH A . 
M 5 HOH 38 1138 68   HOH HOH A . 
M 5 HOH 39 1139 41   HOH HOH A . 
M 5 HOH 40 1140 38   HOH HOH A . 
M 5 HOH 41 1141 43   HOH HOH A . 
M 5 HOH 42 1142 37   HOH HOH A . 
M 5 HOH 43 1143 28   HOH HOH A . 
M 5 HOH 44 1144 24   HOH HOH A . 
M 5 HOH 45 1145 3    HOH HOH A . 
M 5 HOH 46 1146 54   HOH HOH A . 
M 5 HOH 47 1147 72   HOH HOH A . 
M 5 HOH 48 1148 42   HOH HOH A . 
M 5 HOH 49 1149 63   HOH HOH A . 
M 5 HOH 50 1150 27   HOH HOH A . 
M 5 HOH 51 1151 70   HOH HOH A . 
M 5 HOH 52 1152 58   HOH HOH A . 
M 5 HOH 53 1153 64   HOH HOH A . 
M 5 HOH 54 1154 71   HOH HOH A . 
M 5 HOH 55 1155 32   HOH HOH A . 
M 5 HOH 56 1156 60   HOH HOH A . 
M 5 HOH 57 1157 61   HOH HOH A . 
# 
_pdbx_struct_assembly.id                   1 
_pdbx_struct_assembly.details              software_defined_assembly 
_pdbx_struct_assembly.method_details       PISA 
_pdbx_struct_assembly.oligomeric_details   dimeric 
_pdbx_struct_assembly.oligomeric_count     2 
# 
_pdbx_struct_assembly_gen.assembly_id       1 
_pdbx_struct_assembly_gen.oper_expression   1,2 
_pdbx_struct_assembly_gen.asym_id_list      A,B,C,D,E,F,G,H,I,J,K,L,M 
# 
loop_
_pdbx_struct_assembly_prop.biol_id 
_pdbx_struct_assembly_prop.type 
_pdbx_struct_assembly_prop.value 
_pdbx_struct_assembly_prop.details 
1 'ABSA (A^2)' 1560 ? 
1 MORE         -12  ? 
1 'SSA (A^2)'  7300 ? 
# 
loop_
_pdbx_struct_oper_list.id 
_pdbx_struct_oper_list.type 
_pdbx_struct_oper_list.name 
_pdbx_struct_oper_list.symmetry_operation 
_pdbx_struct_oper_list.matrix[1][1] 
_pdbx_struct_oper_list.matrix[1][2] 
_pdbx_struct_oper_list.matrix[1][3] 
_pdbx_struct_oper_list.vector[1] 
_pdbx_struct_oper_list.matrix[2][1] 
_pdbx_struct_oper_list.matrix[2][2] 
_pdbx_struct_oper_list.matrix[2][3] 
_pdbx_struct_oper_list.vector[2] 
_pdbx_struct_oper_list.matrix[3][1] 
_pdbx_struct_oper_list.matrix[3][2] 
_pdbx_struct_oper_list.matrix[3][3] 
_pdbx_struct_oper_list.vector[3] 
1 'identity operation'         1_555 x,y,z         1.0000000000  0.0000000000  0.0000000000 0.0000000000  0.0000000000  1.0000000000 0.0000000000  0.0000000000  0.0000000000 0.0000000000  1.0000000000  0.0000000000   
2 'crystal symmetry operation' 5_675 x-y+1,-y+2,-z -0.8862199457 -0.3629162404 0.2879340383 19.4591974327 -0.3629162404 0.1575684181 -0.9184029596 -5.5326439406 0.2879340383 -0.9184029596 -0.2713484724 -14.6629238576 
# 
loop_
_pdbx_struct_special_symmetry.id 
_pdbx_struct_special_symmetry.PDB_model_num 
_pdbx_struct_special_symmetry.auth_asym_id 
_pdbx_struct_special_symmetry.auth_comp_id 
_pdbx_struct_special_symmetry.auth_seq_id 
_pdbx_struct_special_symmetry.PDB_ins_code 
_pdbx_struct_special_symmetry.label_asym_id 
_pdbx_struct_special_symmetry.label_comp_id 
_pdbx_struct_special_symmetry.label_seq_id 
1 1 A NA  1002 ? C NA  . 
2 1 A HOH 1117 ? M HOH . 
3 1 A HOH 1156 ? M HOH . 
4 1 A HOH 1157 ? M HOH . 
# 
loop_
_pdbx_struct_conn_angle.id 
_pdbx_struct_conn_angle.ptnr1_label_atom_id 
_pdbx_struct_conn_angle.ptnr1_label_alt_id 
_pdbx_struct_conn_angle.ptnr1_label_asym_id 
_pdbx_struct_conn_angle.ptnr1_label_comp_id 
_pdbx_struct_conn_angle.ptnr1_label_seq_id 
_pdbx_struct_conn_angle.ptnr1_auth_atom_id 
_pdbx_struct_conn_angle.ptnr1_auth_asym_id 
_pdbx_struct_conn_angle.ptnr1_auth_comp_id 
_pdbx_struct_conn_angle.ptnr1_auth_seq_id 
_pdbx_struct_conn_angle.ptnr1_PDB_ins_code 
_pdbx_struct_conn_angle.ptnr1_symmetry 
_pdbx_struct_conn_angle.ptnr2_label_atom_id 
_pdbx_struct_conn_angle.ptnr2_label_alt_id 
_pdbx_struct_conn_angle.ptnr2_label_asym_id 
_pdbx_struct_conn_angle.ptnr2_label_comp_id 
_pdbx_struct_conn_angle.ptnr2_label_seq_id 
_pdbx_struct_conn_angle.ptnr2_auth_atom_id 
_pdbx_struct_conn_angle.ptnr2_auth_asym_id 
_pdbx_struct_conn_angle.ptnr2_auth_comp_id 
_pdbx_struct_conn_angle.ptnr2_auth_seq_id 
_pdbx_struct_conn_angle.ptnr2_PDB_ins_code 
_pdbx_struct_conn_angle.ptnr2_symmetry 
_pdbx_struct_conn_angle.ptnr3_label_atom_id 
_pdbx_struct_conn_angle.ptnr3_label_alt_id 
_pdbx_struct_conn_angle.ptnr3_label_asym_id 
_pdbx_struct_conn_angle.ptnr3_label_comp_id 
_pdbx_struct_conn_angle.ptnr3_label_seq_id 
_pdbx_struct_conn_angle.ptnr3_auth_atom_id 
_pdbx_struct_conn_angle.ptnr3_auth_asym_id 
_pdbx_struct_conn_angle.ptnr3_auth_comp_id 
_pdbx_struct_conn_angle.ptnr3_auth_seq_id 
_pdbx_struct_conn_angle.ptnr3_PDB_ins_code 
_pdbx_struct_conn_angle.ptnr3_symmetry 
_pdbx_struct_conn_angle.value 
_pdbx_struct_conn_angle.value_esd 
1  SG  ? A CYS 14 ? A CYS 33   ? 1_555 ZN ? B ZN . ? A ZN 1001 ? 1_555 SG  ? A CYS 19 ? A CYS 38   ? 1_555 110.5 ? 
2  SG  ? A CYS 14 ? A CYS 33   ? 1_555 ZN ? B ZN . ? A ZN 1001 ? 1_555 SG  ? A CYS 41 ? A CYS 60   ? 1_555 106.1 ? 
3  SG  ? A CYS 19 ? A CYS 38   ? 1_555 ZN ? B ZN . ? A ZN 1001 ? 1_555 SG  ? A CYS 41 ? A CYS 60   ? 1_555 109.1 ? 
4  SG  ? A CYS 14 ? A CYS 33   ? 1_555 ZN ? B ZN . ? A ZN 1001 ? 1_555 SG  ? A CYS 52 ? A CYS 71   ? 1_555 108.6 ? 
5  SG  ? A CYS 19 ? A CYS 38   ? 1_555 ZN ? B ZN . ? A ZN 1001 ? 1_555 SG  ? A CYS 52 ? A CYS 71   ? 1_555 109.5 ? 
6  SG  ? A CYS 41 ? A CYS 60   ? 1_555 ZN ? B ZN . ? A ZN 1001 ? 1_555 SG  ? A CYS 52 ? A CYS 71   ? 1_555 113.0 ? 
7  OD1 ? A ASN 18 ? A ASN 37   ? 1_555 NA ? C NA . ? A NA 1002 ? 1_555 OD1 ? A ASN 18 ? A ASN 37   ? 1_555 0.0   ? 
8  OD1 ? A ASN 18 ? A ASN 37   ? 1_555 NA ? C NA . ? A NA 1002 ? 1_555 O   ? M HOH .  ? A HOH 1128 ? 1_555 90.7  ? 
9  OD1 ? A ASN 18 ? A ASN 37   ? 1_555 NA ? C NA . ? A NA 1002 ? 1_555 O   ? M HOH .  ? A HOH 1128 ? 1_555 90.7  ? 
10 OD1 ? A ASN 18 ? A ASN 37   ? 1_555 NA ? C NA . ? A NA 1002 ? 1_555 O   ? M HOH .  ? A HOH 1128 ? 3_775 176.3 ? 
11 OD1 ? A ASN 18 ? A ASN 37   ? 1_555 NA ? C NA . ? A NA 1002 ? 1_555 O   ? M HOH .  ? A HOH 1128 ? 3_775 176.3 ? 
12 O   ? M HOH .  ? A HOH 1128 ? 1_555 NA ? C NA . ? A NA 1002 ? 1_555 O   ? M HOH .  ? A HOH 1128 ? 3_775 92.8  ? 
# 
loop_
_pdbx_audit_revision_history.ordinal 
_pdbx_audit_revision_history.data_content_type 
_pdbx_audit_revision_history.major_revision 
_pdbx_audit_revision_history.minor_revision 
_pdbx_audit_revision_history.revision_date 
1 'Structure model' 1 0 2015-04-08 
2 'Structure model' 1 1 2017-11-22 
3 'Structure model' 1 2 2023-09-27 
# 
_pdbx_audit_revision_details.ordinal             1 
_pdbx_audit_revision_details.revision_ordinal    1 
_pdbx_audit_revision_details.data_content_type   'Structure model' 
_pdbx_audit_revision_details.provider            repository 
_pdbx_audit_revision_details.type                'Initial release' 
_pdbx_audit_revision_details.description         ? 
_pdbx_audit_revision_details.details             ? 
# 
loop_
_pdbx_audit_revision_group.ordinal 
_pdbx_audit_revision_group.revision_ordinal 
_pdbx_audit_revision_group.data_content_type 
_pdbx_audit_revision_group.group 
1 2 'Structure model' 'Derived calculations'   
2 2 'Structure model' 'Refinement description' 
3 2 'Structure model' 'Source and taxonomy'    
4 2 'Structure model' 'Structure summary'      
5 3 'Structure model' 'Data collection'        
6 3 'Structure model' 'Database references'    
7 3 'Structure model' 'Derived calculations'   
8 3 'Structure model' 'Refinement description' 
# 
loop_
_pdbx_audit_revision_category.ordinal 
_pdbx_audit_revision_category.revision_ordinal 
_pdbx_audit_revision_category.data_content_type 
_pdbx_audit_revision_category.category 
1  2 'Structure model' entity_src_gen                
2  2 'Structure model' pdbx_struct_assembly          
3  2 'Structure model' pdbx_struct_assembly_prop     
4  2 'Structure model' pdbx_struct_oper_list         
5  2 'Structure model' software                      
6  2 'Structure model' struct_keywords               
7  3 'Structure model' chem_comp_atom                
8  3 'Structure model' chem_comp_bond                
9  3 'Structure model' database_2                    
10 3 'Structure model' pdbx_initial_refinement_model 
11 3 'Structure model' pdbx_struct_conn_angle        
12 3 'Structure model' struct_conn                   
# 
loop_
_pdbx_audit_revision_item.ordinal 
_pdbx_audit_revision_item.revision_ordinal 
_pdbx_audit_revision_item.data_content_type 
_pdbx_audit_revision_item.item 
1  2 'Structure model' '_entity_src_gen.pdbx_alt_source_flag'        
2  2 'Structure model' '_pdbx_struct_assembly.oligomeric_details'    
3  2 'Structure model' '_pdbx_struct_assembly_prop.type'             
4  2 'Structure model' '_pdbx_struct_assembly_prop.value'            
5  2 'Structure model' '_pdbx_struct_oper_list.symmetry_operation'   
6  2 'Structure model' '_software.classification'                    
7  2 'Structure model' '_struct_keywords.text'                       
8  3 'Structure model' '_database_2.pdbx_DOI'                        
9  3 'Structure model' '_database_2.pdbx_database_accession'         
10 3 'Structure model' '_pdbx_struct_conn_angle.ptnr1_auth_comp_id'  
11 3 'Structure model' '_pdbx_struct_conn_angle.ptnr1_auth_seq_id'   
12 3 'Structure model' '_pdbx_struct_conn_angle.ptnr1_label_asym_id' 
13 3 'Structure model' '_pdbx_struct_conn_angle.ptnr1_label_atom_id' 
14 3 'Structure model' '_pdbx_struct_conn_angle.ptnr1_label_comp_id' 
15 3 'Structure model' '_pdbx_struct_conn_angle.ptnr1_label_seq_id'  
16 3 'Structure model' '_pdbx_struct_conn_angle.ptnr3_auth_comp_id'  
17 3 'Structure model' '_pdbx_struct_conn_angle.ptnr3_auth_seq_id'   
18 3 'Structure model' '_pdbx_struct_conn_angle.ptnr3_label_asym_id' 
19 3 'Structure model' '_pdbx_struct_conn_angle.ptnr3_label_atom_id' 
20 3 'Structure model' '_pdbx_struct_conn_angle.ptnr3_label_comp_id' 
21 3 'Structure model' '_pdbx_struct_conn_angle.ptnr3_label_seq_id'  
22 3 'Structure model' '_pdbx_struct_conn_angle.value'               
23 3 'Structure model' '_struct_conn.pdbx_dist_value'                
24 3 'Structure model' '_struct_conn.ptnr1_auth_comp_id'             
25 3 'Structure model' '_struct_conn.ptnr1_auth_seq_id'              
26 3 'Structure model' '_struct_conn.ptnr1_label_asym_id'            
27 3 'Structure model' '_struct_conn.ptnr1_label_atom_id'            
28 3 'Structure model' '_struct_conn.ptnr1_label_comp_id'            
29 3 'Structure model' '_struct_conn.ptnr1_label_seq_id'             
30 3 'Structure model' '_struct_conn.ptnr2_auth_comp_id'             
31 3 'Structure model' '_struct_conn.ptnr2_auth_seq_id'              
32 3 'Structure model' '_struct_conn.ptnr2_label_asym_id'            
33 3 'Structure model' '_struct_conn.ptnr2_label_atom_id'            
34 3 'Structure model' '_struct_conn.ptnr2_label_comp_id'            
35 3 'Structure model' '_struct_conn.ptnr2_symmetry'                 
# 
_phasing.method   MR 
# 
loop_
_software.citation_id 
_software.classification 
_software.compiler_name 
_software.compiler_version 
_software.contact_author 
_software.contact_author_email 
_software.date 
_software.description 
_software.dependencies 
_software.hardware 
_software.language 
_software.location 
_software.mods 
_software.name 
_software.os 
_software.os_version 
_software.type 
_software.version 
_software.pdbx_ordinal 
? 'data scaling'    ? ? ? ? ? ? ? ? ? ? ? Aimless     ? ? ? 0.3.11 1 
? phasing           ? ? ? ? ? ? ? ? ? ? ? PHASER      ? ? ? .      2 
? refinement        ? ? ? ? ? ? ? ? ? ? ? REFMAC      ? ? ? .      3 
? 'data extraction' ? ? ? ? ? ? ? ? ? ? ? PDB_EXTRACT ? ? ? 3.15   4 
? 'data scaling'    ? ? ? ? ? ? ? ? ? ? ? XDS         ? ? ? .      5 
? 'model building'  ? ? ? ? ? ? ? ? ? ? ? Coot        ? ? ? .      6 
# 
_pdbx_validate_symm_contact.id                1 
_pdbx_validate_symm_contact.PDB_model_num     1 
_pdbx_validate_symm_contact.auth_atom_id_1    UNK 
_pdbx_validate_symm_contact.auth_asym_id_1    A 
_pdbx_validate_symm_contact.auth_comp_id_1    UNX 
_pdbx_validate_symm_contact.auth_seq_id_1     1011 
_pdbx_validate_symm_contact.PDB_ins_code_1    ? 
_pdbx_validate_symm_contact.label_alt_id_1    ? 
_pdbx_validate_symm_contact.site_symmetry_1   1_555 
_pdbx_validate_symm_contact.auth_atom_id_2    UNK 
_pdbx_validate_symm_contact.auth_asym_id_2    A 
_pdbx_validate_symm_contact.auth_comp_id_2    UNX 
_pdbx_validate_symm_contact.auth_seq_id_2     1011 
_pdbx_validate_symm_contact.PDB_ins_code_2    ? 
_pdbx_validate_symm_contact.label_alt_id_2    ? 
_pdbx_validate_symm_contact.site_symmetry_2   5_676 
_pdbx_validate_symm_contact.dist              1.82 
# 
loop_
_pdbx_validate_torsion.id 
_pdbx_validate_torsion.PDB_model_num 
_pdbx_validate_torsion.auth_comp_id 
_pdbx_validate_torsion.auth_asym_id 
_pdbx_validate_torsion.auth_seq_id 
_pdbx_validate_torsion.PDB_ins_code 
_pdbx_validate_torsion.label_alt_id 
_pdbx_validate_torsion.phi 
_pdbx_validate_torsion.psi 
1 1 CYS A 38 ? ? -126.92 -74.68 
2 1 TYR A 68 ? ? -144.45 43.01  
# 
_pdbx_distant_solvent_atoms.id                                1 
_pdbx_distant_solvent_atoms.PDB_model_num                     1 
_pdbx_distant_solvent_atoms.auth_atom_id                      O 
_pdbx_distant_solvent_atoms.label_alt_id                      ? 
_pdbx_distant_solvent_atoms.auth_asym_id                      A 
_pdbx_distant_solvent_atoms.auth_comp_id                      HOH 
_pdbx_distant_solvent_atoms.auth_seq_id                       1157 
_pdbx_distant_solvent_atoms.PDB_ins_code                      ? 
_pdbx_distant_solvent_atoms.neighbor_macromolecule_distance   6.46 
_pdbx_distant_solvent_atoms.neighbor_ligand_distance          . 
# 
loop_
_pdbx_unobs_or_zero_occ_atoms.id 
_pdbx_unobs_or_zero_occ_atoms.PDB_model_num 
_pdbx_unobs_or_zero_occ_atoms.polymer_flag 
_pdbx_unobs_or_zero_occ_atoms.occupancy_flag 
_pdbx_unobs_or_zero_occ_atoms.auth_asym_id 
_pdbx_unobs_or_zero_occ_atoms.auth_comp_id 
_pdbx_unobs_or_zero_occ_atoms.auth_seq_id 
_pdbx_unobs_or_zero_occ_atoms.PDB_ins_code 
_pdbx_unobs_or_zero_occ_atoms.auth_atom_id 
_pdbx_unobs_or_zero_occ_atoms.label_alt_id 
_pdbx_unobs_or_zero_occ_atoms.label_asym_id 
_pdbx_unobs_or_zero_occ_atoms.label_comp_id 
_pdbx_unobs_or_zero_occ_atoms.label_seq_id 
_pdbx_unobs_or_zero_occ_atoms.label_atom_id 
1 1 Y 1 A GLU 47 ? CG  ? A GLU 28 CG  
2 1 Y 1 A GLU 47 ? CD  ? A GLU 28 CD  
3 1 Y 1 A GLU 47 ? OE1 ? A GLU 28 OE1 
4 1 Y 1 A GLU 47 ? OE2 ? A GLU 28 OE2 
# 
loop_
_pdbx_unobs_or_zero_occ_residues.id 
_pdbx_unobs_or_zero_occ_residues.PDB_model_num 
_pdbx_unobs_or_zero_occ_residues.polymer_flag 
_pdbx_unobs_or_zero_occ_residues.occupancy_flag 
_pdbx_unobs_or_zero_occ_residues.auth_asym_id 
_pdbx_unobs_or_zero_occ_residues.auth_comp_id 
_pdbx_unobs_or_zero_occ_residues.auth_seq_id 
_pdbx_unobs_or_zero_occ_residues.PDB_ins_code 
_pdbx_unobs_or_zero_occ_residues.label_asym_id 
_pdbx_unobs_or_zero_occ_residues.label_comp_id 
_pdbx_unobs_or_zero_occ_residues.label_seq_id 
1 1 Y 1 A GLY 20 ? A GLY 1  
2 1 Y 1 A VAL 21 ? A VAL 2  
3 1 Y 1 A GLU 22 ? A GLU 3  
4 1 Y 1 A ASP 78 ? A ASP 59 
# 
loop_
_chem_comp_atom.comp_id 
_chem_comp_atom.atom_id 
_chem_comp_atom.type_symbol 
_chem_comp_atom.pdbx_aromatic_flag 
_chem_comp_atom.pdbx_stereo_config 
_chem_comp_atom.pdbx_ordinal 
ALA N    N  N N 1   
ALA CA   C  N S 2   
ALA C    C  N N 3   
ALA O    O  N N 4   
ALA CB   C  N N 5   
ALA OXT  O  N N 6   
ALA H    H  N N 7   
ALA H2   H  N N 8   
ALA HA   H  N N 9   
ALA HB1  H  N N 10  
ALA HB2  H  N N 11  
ALA HB3  H  N N 12  
ALA HXT  H  N N 13  
ARG N    N  N N 14  
ARG CA   C  N S 15  
ARG C    C  N N 16  
ARG O    O  N N 17  
ARG CB   C  N N 18  
ARG CG   C  N N 19  
ARG CD   C  N N 20  
ARG NE   N  N N 21  
ARG CZ   C  N N 22  
ARG NH1  N  N N 23  
ARG NH2  N  N N 24  
ARG OXT  O  N N 25  
ARG H    H  N N 26  
ARG H2   H  N N 27  
ARG HA   H  N N 28  
ARG HB2  H  N N 29  
ARG HB3  H  N N 30  
ARG HG2  H  N N 31  
ARG HG3  H  N N 32  
ARG HD2  H  N N 33  
ARG HD3  H  N N 34  
ARG HE   H  N N 35  
ARG HH11 H  N N 36  
ARG HH12 H  N N 37  
ARG HH21 H  N N 38  
ARG HH22 H  N N 39  
ARG HXT  H  N N 40  
ASN N    N  N N 41  
ASN CA   C  N S 42  
ASN C    C  N N 43  
ASN O    O  N N 44  
ASN CB   C  N N 45  
ASN CG   C  N N 46  
ASN OD1  O  N N 47  
ASN ND2  N  N N 48  
ASN OXT  O  N N 49  
ASN H    H  N N 50  
ASN H2   H  N N 51  
ASN HA   H  N N 52  
ASN HB2  H  N N 53  
ASN HB3  H  N N 54  
ASN HD21 H  N N 55  
ASN HD22 H  N N 56  
ASN HXT  H  N N 57  
ASP N    N  N N 58  
ASP CA   C  N S 59  
ASP C    C  N N 60  
ASP O    O  N N 61  
ASP CB   C  N N 62  
ASP CG   C  N N 63  
ASP OD1  O  N N 64  
ASP OD2  O  N N 65  
ASP OXT  O  N N 66  
ASP H    H  N N 67  
ASP H2   H  N N 68  
ASP HA   H  N N 69  
ASP HB2  H  N N 70  
ASP HB3  H  N N 71  
ASP HD2  H  N N 72  
ASP HXT  H  N N 73  
CYS N    N  N N 74  
CYS CA   C  N R 75  
CYS C    C  N N 76  
CYS O    O  N N 77  
CYS CB   C  N N 78  
CYS SG   S  N N 79  
CYS OXT  O  N N 80  
CYS H    H  N N 81  
CYS H2   H  N N 82  
CYS HA   H  N N 83  
CYS HB2  H  N N 84  
CYS HB3  H  N N 85  
CYS HG   H  N N 86  
CYS HXT  H  N N 87  
GLN N    N  N N 88  
GLN CA   C  N S 89  
GLN C    C  N N 90  
GLN O    O  N N 91  
GLN CB   C  N N 92  
GLN CG   C  N N 93  
GLN CD   C  N N 94  
GLN OE1  O  N N 95  
GLN NE2  N  N N 96  
GLN OXT  O  N N 97  
GLN H    H  N N 98  
GLN H2   H  N N 99  
GLN HA   H  N N 100 
GLN HB2  H  N N 101 
GLN HB3  H  N N 102 
GLN HG2  H  N N 103 
GLN HG3  H  N N 104 
GLN HE21 H  N N 105 
GLN HE22 H  N N 106 
GLN HXT  H  N N 107 
GLU N    N  N N 108 
GLU CA   C  N S 109 
GLU C    C  N N 110 
GLU O    O  N N 111 
GLU CB   C  N N 112 
GLU CG   C  N N 113 
GLU CD   C  N N 114 
GLU OE1  O  N N 115 
GLU OE2  O  N N 116 
GLU OXT  O  N N 117 
GLU H    H  N N 118 
GLU H2   H  N N 119 
GLU HA   H  N N 120 
GLU HB2  H  N N 121 
GLU HB3  H  N N 122 
GLU HG2  H  N N 123 
GLU HG3  H  N N 124 
GLU HE2  H  N N 125 
GLU HXT  H  N N 126 
GLY N    N  N N 127 
GLY CA   C  N N 128 
GLY C    C  N N 129 
GLY O    O  N N 130 
GLY OXT  O  N N 131 
GLY H    H  N N 132 
GLY H2   H  N N 133 
GLY HA2  H  N N 134 
GLY HA3  H  N N 135 
GLY HXT  H  N N 136 
HIS N    N  N N 137 
HIS CA   C  N S 138 
HIS C    C  N N 139 
HIS O    O  N N 140 
HIS CB   C  N N 141 
HIS CG   C  Y N 142 
HIS ND1  N  Y N 143 
HIS CD2  C  Y N 144 
HIS CE1  C  Y N 145 
HIS NE2  N  Y N 146 
HIS OXT  O  N N 147 
HIS H    H  N N 148 
HIS H2   H  N N 149 
HIS HA   H  N N 150 
HIS HB2  H  N N 151 
HIS HB3  H  N N 152 
HIS HD1  H  N N 153 
HIS HD2  H  N N 154 
HIS HE1  H  N N 155 
HIS HE2  H  N N 156 
HIS HXT  H  N N 157 
HOH O    O  N N 158 
HOH H1   H  N N 159 
HOH H2   H  N N 160 
ILE N    N  N N 161 
ILE CA   C  N S 162 
ILE C    C  N N 163 
ILE O    O  N N 164 
ILE CB   C  N S 165 
ILE CG1  C  N N 166 
ILE CG2  C  N N 167 
ILE CD1  C  N N 168 
ILE OXT  O  N N 169 
ILE H    H  N N 170 
ILE H2   H  N N 171 
ILE HA   H  N N 172 
ILE HB   H  N N 173 
ILE HG12 H  N N 174 
ILE HG13 H  N N 175 
ILE HG21 H  N N 176 
ILE HG22 H  N N 177 
ILE HG23 H  N N 178 
ILE HD11 H  N N 179 
ILE HD12 H  N N 180 
ILE HD13 H  N N 181 
ILE HXT  H  N N 182 
LEU N    N  N N 183 
LEU CA   C  N S 184 
LEU C    C  N N 185 
LEU O    O  N N 186 
LEU CB   C  N N 187 
LEU CG   C  N N 188 
LEU CD1  C  N N 189 
LEU CD2  C  N N 190 
LEU OXT  O  N N 191 
LEU H    H  N N 192 
LEU H2   H  N N 193 
LEU HA   H  N N 194 
LEU HB2  H  N N 195 
LEU HB3  H  N N 196 
LEU HG   H  N N 197 
LEU HD11 H  N N 198 
LEU HD12 H  N N 199 
LEU HD13 H  N N 200 
LEU HD21 H  N N 201 
LEU HD22 H  N N 202 
LEU HD23 H  N N 203 
LEU HXT  H  N N 204 
LYS N    N  N N 205 
LYS CA   C  N S 206 
LYS C    C  N N 207 
LYS O    O  N N 208 
LYS CB   C  N N 209 
LYS CG   C  N N 210 
LYS CD   C  N N 211 
LYS CE   C  N N 212 
LYS NZ   N  N N 213 
LYS OXT  O  N N 214 
LYS H    H  N N 215 
LYS H2   H  N N 216 
LYS HA   H  N N 217 
LYS HB2  H  N N 218 
LYS HB3  H  N N 219 
LYS HG2  H  N N 220 
LYS HG3  H  N N 221 
LYS HD2  H  N N 222 
LYS HD3  H  N N 223 
LYS HE2  H  N N 224 
LYS HE3  H  N N 225 
LYS HZ1  H  N N 226 
LYS HZ2  H  N N 227 
LYS HZ3  H  N N 228 
LYS HXT  H  N N 229 
MET N    N  N N 230 
MET CA   C  N S 231 
MET C    C  N N 232 
MET O    O  N N 233 
MET CB   C  N N 234 
MET CG   C  N N 235 
MET SD   S  N N 236 
MET CE   C  N N 237 
MET OXT  O  N N 238 
MET H    H  N N 239 
MET H2   H  N N 240 
MET HA   H  N N 241 
MET HB2  H  N N 242 
MET HB3  H  N N 243 
MET HG2  H  N N 244 
MET HG3  H  N N 245 
MET HE1  H  N N 246 
MET HE2  H  N N 247 
MET HE3  H  N N 248 
MET HXT  H  N N 249 
NA  NA   NA N N 250 
PHE N    N  N N 251 
PHE CA   C  N S 252 
PHE C    C  N N 253 
PHE O    O  N N 254 
PHE CB   C  N N 255 
PHE CG   C  Y N 256 
PHE CD1  C  Y N 257 
PHE CD2  C  Y N 258 
PHE CE1  C  Y N 259 
PHE CE2  C  Y N 260 
PHE CZ   C  Y N 261 
PHE OXT  O  N N 262 
PHE H    H  N N 263 
PHE H2   H  N N 264 
PHE HA   H  N N 265 
PHE HB2  H  N N 266 
PHE HB3  H  N N 267 
PHE HD1  H  N N 268 
PHE HD2  H  N N 269 
PHE HE1  H  N N 270 
PHE HE2  H  N N 271 
PHE HZ   H  N N 272 
PHE HXT  H  N N 273 
PRO N    N  N N 274 
PRO CA   C  N S 275 
PRO C    C  N N 276 
PRO O    O  N N 277 
PRO CB   C  N N 278 
PRO CG   C  N N 279 
PRO CD   C  N N 280 
PRO OXT  O  N N 281 
PRO H    H  N N 282 
PRO HA   H  N N 283 
PRO HB2  H  N N 284 
PRO HB3  H  N N 285 
PRO HG2  H  N N 286 
PRO HG3  H  N N 287 
PRO HD2  H  N N 288 
PRO HD3  H  N N 289 
PRO HXT  H  N N 290 
SER N    N  N N 291 
SER CA   C  N S 292 
SER C    C  N N 293 
SER O    O  N N 294 
SER CB   C  N N 295 
SER OG   O  N N 296 
SER OXT  O  N N 297 
SER H    H  N N 298 
SER H2   H  N N 299 
SER HA   H  N N 300 
SER HB2  H  N N 301 
SER HB3  H  N N 302 
SER HG   H  N N 303 
SER HXT  H  N N 304 
THR N    N  N N 305 
THR CA   C  N S 306 
THR C    C  N N 307 
THR O    O  N N 308 
THR CB   C  N R 309 
THR OG1  O  N N 310 
THR CG2  C  N N 311 
THR OXT  O  N N 312 
THR H    H  N N 313 
THR H2   H  N N 314 
THR HA   H  N N 315 
THR HB   H  N N 316 
THR HG1  H  N N 317 
THR HG21 H  N N 318 
THR HG22 H  N N 319 
THR HG23 H  N N 320 
THR HXT  H  N N 321 
TRP N    N  N N 322 
TRP CA   C  N S 323 
TRP C    C  N N 324 
TRP O    O  N N 325 
TRP CB   C  N N 326 
TRP CG   C  Y N 327 
TRP CD1  C  Y N 328 
TRP CD2  C  Y N 329 
TRP NE1  N  Y N 330 
TRP CE2  C  Y N 331 
TRP CE3  C  Y N 332 
TRP CZ2  C  Y N 333 
TRP CZ3  C  Y N 334 
TRP CH2  C  Y N 335 
TRP OXT  O  N N 336 
TRP H    H  N N 337 
TRP H2   H  N N 338 
TRP HA   H  N N 339 
TRP HB2  H  N N 340 
TRP HB3  H  N N 341 
TRP HD1  H  N N 342 
TRP HE1  H  N N 343 
TRP HE3  H  N N 344 
TRP HZ2  H  N N 345 
TRP HZ3  H  N N 346 
TRP HH2  H  N N 347 
TRP HXT  H  N N 348 
TYR N    N  N N 349 
TYR CA   C  N S 350 
TYR C    C  N N 351 
TYR O    O  N N 352 
TYR CB   C  N N 353 
TYR CG   C  Y N 354 
TYR CD1  C  Y N 355 
TYR CD2  C  Y N 356 
TYR CE1  C  Y N 357 
TYR CE2  C  Y N 358 
TYR CZ   C  Y N 359 
TYR OH   O  N N 360 
TYR OXT  O  N N 361 
TYR H    H  N N 362 
TYR H2   H  N N 363 
TYR HA   H  N N 364 
TYR HB2  H  N N 365 
TYR HB3  H  N N 366 
TYR HD1  H  N N 367 
TYR HD2  H  N N 368 
TYR HE1  H  N N 369 
TYR HE2  H  N N 370 
TYR HH   H  N N 371 
TYR HXT  H  N N 372 
VAL N    N  N N 373 
VAL CA   C  N S 374 
VAL C    C  N N 375 
VAL O    O  N N 376 
VAL CB   C  N N 377 
VAL CG1  C  N N 378 
VAL CG2  C  N N 379 
VAL OXT  O  N N 380 
VAL H    H  N N 381 
VAL H2   H  N N 382 
VAL HA   H  N N 383 
VAL HB   H  N N 384 
VAL HG11 H  N N 385 
VAL HG12 H  N N 386 
VAL HG13 H  N N 387 
VAL HG21 H  N N 388 
VAL HG22 H  N N 389 
VAL HG23 H  N N 390 
VAL HXT  H  N N 391 
ZN  ZN   ZN N N 392 
# 
loop_
_chem_comp_bond.comp_id 
_chem_comp_bond.atom_id_1 
_chem_comp_bond.atom_id_2 
_chem_comp_bond.value_order 
_chem_comp_bond.pdbx_aromatic_flag 
_chem_comp_bond.pdbx_stereo_config 
_chem_comp_bond.pdbx_ordinal 
ALA N   CA   sing N N 1   
ALA N   H    sing N N 2   
ALA N   H2   sing N N 3   
ALA CA  C    sing N N 4   
ALA CA  CB   sing N N 5   
ALA CA  HA   sing N N 6   
ALA C   O    doub N N 7   
ALA C   OXT  sing N N 8   
ALA CB  HB1  sing N N 9   
ALA CB  HB2  sing N N 10  
ALA CB  HB3  sing N N 11  
ALA OXT HXT  sing N N 12  
ARG N   CA   sing N N 13  
ARG N   H    sing N N 14  
ARG N   H2   sing N N 15  
ARG CA  C    sing N N 16  
ARG CA  CB   sing N N 17  
ARG CA  HA   sing N N 18  
ARG C   O    doub N N 19  
ARG C   OXT  sing N N 20  
ARG CB  CG   sing N N 21  
ARG CB  HB2  sing N N 22  
ARG CB  HB3  sing N N 23  
ARG CG  CD   sing N N 24  
ARG CG  HG2  sing N N 25  
ARG CG  HG3  sing N N 26  
ARG CD  NE   sing N N 27  
ARG CD  HD2  sing N N 28  
ARG CD  HD3  sing N N 29  
ARG NE  CZ   sing N N 30  
ARG NE  HE   sing N N 31  
ARG CZ  NH1  sing N N 32  
ARG CZ  NH2  doub N N 33  
ARG NH1 HH11 sing N N 34  
ARG NH1 HH12 sing N N 35  
ARG NH2 HH21 sing N N 36  
ARG NH2 HH22 sing N N 37  
ARG OXT HXT  sing N N 38  
ASN N   CA   sing N N 39  
ASN N   H    sing N N 40  
ASN N   H2   sing N N 41  
ASN CA  C    sing N N 42  
ASN CA  CB   sing N N 43  
ASN CA  HA   sing N N 44  
ASN C   O    doub N N 45  
ASN C   OXT  sing N N 46  
ASN CB  CG   sing N N 47  
ASN CB  HB2  sing N N 48  
ASN CB  HB3  sing N N 49  
ASN CG  OD1  doub N N 50  
ASN CG  ND2  sing N N 51  
ASN ND2 HD21 sing N N 52  
ASN ND2 HD22 sing N N 53  
ASN OXT HXT  sing N N 54  
ASP N   CA   sing N N 55  
ASP N   H    sing N N 56  
ASP N   H2   sing N N 57  
ASP CA  C    sing N N 58  
ASP CA  CB   sing N N 59  
ASP CA  HA   sing N N 60  
ASP C   O    doub N N 61  
ASP C   OXT  sing N N 62  
ASP CB  CG   sing N N 63  
ASP CB  HB2  sing N N 64  
ASP CB  HB3  sing N N 65  
ASP CG  OD1  doub N N 66  
ASP CG  OD2  sing N N 67  
ASP OD2 HD2  sing N N 68  
ASP OXT HXT  sing N N 69  
CYS N   CA   sing N N 70  
CYS N   H    sing N N 71  
CYS N   H2   sing N N 72  
CYS CA  C    sing N N 73  
CYS CA  CB   sing N N 74  
CYS CA  HA   sing N N 75  
CYS C   O    doub N N 76  
CYS C   OXT  sing N N 77  
CYS CB  SG   sing N N 78  
CYS CB  HB2  sing N N 79  
CYS CB  HB3  sing N N 80  
CYS SG  HG   sing N N 81  
CYS OXT HXT  sing N N 82  
GLN N   CA   sing N N 83  
GLN N   H    sing N N 84  
GLN N   H2   sing N N 85  
GLN CA  C    sing N N 86  
GLN CA  CB   sing N N 87  
GLN CA  HA   sing N N 88  
GLN C   O    doub N N 89  
GLN C   OXT  sing N N 90  
GLN CB  CG   sing N N 91  
GLN CB  HB2  sing N N 92  
GLN CB  HB3  sing N N 93  
GLN CG  CD   sing N N 94  
GLN CG  HG2  sing N N 95  
GLN CG  HG3  sing N N 96  
GLN CD  OE1  doub N N 97  
GLN CD  NE2  sing N N 98  
GLN NE2 HE21 sing N N 99  
GLN NE2 HE22 sing N N 100 
GLN OXT HXT  sing N N 101 
GLU N   CA   sing N N 102 
GLU N   H    sing N N 103 
GLU N   H2   sing N N 104 
GLU CA  C    sing N N 105 
GLU CA  CB   sing N N 106 
GLU CA  HA   sing N N 107 
GLU C   O    doub N N 108 
GLU C   OXT  sing N N 109 
GLU CB  CG   sing N N 110 
GLU CB  HB2  sing N N 111 
GLU CB  HB3  sing N N 112 
GLU CG  CD   sing N N 113 
GLU CG  HG2  sing N N 114 
GLU CG  HG3  sing N N 115 
GLU CD  OE1  doub N N 116 
GLU CD  OE2  sing N N 117 
GLU OE2 HE2  sing N N 118 
GLU OXT HXT  sing N N 119 
GLY N   CA   sing N N 120 
GLY N   H    sing N N 121 
GLY N   H2   sing N N 122 
GLY CA  C    sing N N 123 
GLY CA  HA2  sing N N 124 
GLY CA  HA3  sing N N 125 
GLY C   O    doub N N 126 
GLY C   OXT  sing N N 127 
GLY OXT HXT  sing N N 128 
HIS N   CA   sing N N 129 
HIS N   H    sing N N 130 
HIS N   H2   sing N N 131 
HIS CA  C    sing N N 132 
HIS CA  CB   sing N N 133 
HIS CA  HA   sing N N 134 
HIS C   O    doub N N 135 
HIS C   OXT  sing N N 136 
HIS CB  CG   sing N N 137 
HIS CB  HB2  sing N N 138 
HIS CB  HB3  sing N N 139 
HIS CG  ND1  sing Y N 140 
HIS CG  CD2  doub Y N 141 
HIS ND1 CE1  doub Y N 142 
HIS ND1 HD1  sing N N 143 
HIS CD2 NE2  sing Y N 144 
HIS CD2 HD2  sing N N 145 
HIS CE1 NE2  sing Y N 146 
HIS CE1 HE1  sing N N 147 
HIS NE2 HE2  sing N N 148 
HIS OXT HXT  sing N N 149 
HOH O   H1   sing N N 150 
HOH O   H2   sing N N 151 
ILE N   CA   sing N N 152 
ILE N   H    sing N N 153 
ILE N   H2   sing N N 154 
ILE CA  C    sing N N 155 
ILE CA  CB   sing N N 156 
ILE CA  HA   sing N N 157 
ILE C   O    doub N N 158 
ILE C   OXT  sing N N 159 
ILE CB  CG1  sing N N 160 
ILE CB  CG2  sing N N 161 
ILE CB  HB   sing N N 162 
ILE CG1 CD1  sing N N 163 
ILE CG1 HG12 sing N N 164 
ILE CG1 HG13 sing N N 165 
ILE CG2 HG21 sing N N 166 
ILE CG2 HG22 sing N N 167 
ILE CG2 HG23 sing N N 168 
ILE CD1 HD11 sing N N 169 
ILE CD1 HD12 sing N N 170 
ILE CD1 HD13 sing N N 171 
ILE OXT HXT  sing N N 172 
LEU N   CA   sing N N 173 
LEU N   H    sing N N 174 
LEU N   H2   sing N N 175 
LEU CA  C    sing N N 176 
LEU CA  CB   sing N N 177 
LEU CA  HA   sing N N 178 
LEU C   O    doub N N 179 
LEU C   OXT  sing N N 180 
LEU CB  CG   sing N N 181 
LEU CB  HB2  sing N N 182 
LEU CB  HB3  sing N N 183 
LEU CG  CD1  sing N N 184 
LEU CG  CD2  sing N N 185 
LEU CG  HG   sing N N 186 
LEU CD1 HD11 sing N N 187 
LEU CD1 HD12 sing N N 188 
LEU CD1 HD13 sing N N 189 
LEU CD2 HD21 sing N N 190 
LEU CD2 HD22 sing N N 191 
LEU CD2 HD23 sing N N 192 
LEU OXT HXT  sing N N 193 
LYS N   CA   sing N N 194 
LYS N   H    sing N N 195 
LYS N   H2   sing N N 196 
LYS CA  C    sing N N 197 
LYS CA  CB   sing N N 198 
LYS CA  HA   sing N N 199 
LYS C   O    doub N N 200 
LYS C   OXT  sing N N 201 
LYS CB  CG   sing N N 202 
LYS CB  HB2  sing N N 203 
LYS CB  HB3  sing N N 204 
LYS CG  CD   sing N N 205 
LYS CG  HG2  sing N N 206 
LYS CG  HG3  sing N N 207 
LYS CD  CE   sing N N 208 
LYS CD  HD2  sing N N 209 
LYS CD  HD3  sing N N 210 
LYS CE  NZ   sing N N 211 
LYS CE  HE2  sing N N 212 
LYS CE  HE3  sing N N 213 
LYS NZ  HZ1  sing N N 214 
LYS NZ  HZ2  sing N N 215 
LYS NZ  HZ3  sing N N 216 
LYS OXT HXT  sing N N 217 
MET N   CA   sing N N 218 
MET N   H    sing N N 219 
MET N   H2   sing N N 220 
MET CA  C    sing N N 221 
MET CA  CB   sing N N 222 
MET CA  HA   sing N N 223 
MET C   O    doub N N 224 
MET C   OXT  sing N N 225 
MET CB  CG   sing N N 226 
MET CB  HB2  sing N N 227 
MET CB  HB3  sing N N 228 
MET CG  SD   sing N N 229 
MET CG  HG2  sing N N 230 
MET CG  HG3  sing N N 231 
MET SD  CE   sing N N 232 
MET CE  HE1  sing N N 233 
MET CE  HE2  sing N N 234 
MET CE  HE3  sing N N 235 
MET OXT HXT  sing N N 236 
PHE N   CA   sing N N 237 
PHE N   H    sing N N 238 
PHE N   H2   sing N N 239 
PHE CA  C    sing N N 240 
PHE CA  CB   sing N N 241 
PHE CA  HA   sing N N 242 
PHE C   O    doub N N 243 
PHE C   OXT  sing N N 244 
PHE CB  CG   sing N N 245 
PHE CB  HB2  sing N N 246 
PHE CB  HB3  sing N N 247 
PHE CG  CD1  doub Y N 248 
PHE CG  CD2  sing Y N 249 
PHE CD1 CE1  sing Y N 250 
PHE CD1 HD1  sing N N 251 
PHE CD2 CE2  doub Y N 252 
PHE CD2 HD2  sing N N 253 
PHE CE1 CZ   doub Y N 254 
PHE CE1 HE1  sing N N 255 
PHE CE2 CZ   sing Y N 256 
PHE CE2 HE2  sing N N 257 
PHE CZ  HZ   sing N N 258 
PHE OXT HXT  sing N N 259 
PRO N   CA   sing N N 260 
PRO N   CD   sing N N 261 
PRO N   H    sing N N 262 
PRO CA  C    sing N N 263 
PRO CA  CB   sing N N 264 
PRO CA  HA   sing N N 265 
PRO C   O    doub N N 266 
PRO C   OXT  sing N N 267 
PRO CB  CG   sing N N 268 
PRO CB  HB2  sing N N 269 
PRO CB  HB3  sing N N 270 
PRO CG  CD   sing N N 271 
PRO CG  HG2  sing N N 272 
PRO CG  HG3  sing N N 273 
PRO CD  HD2  sing N N 274 
PRO CD  HD3  sing N N 275 
PRO OXT HXT  sing N N 276 
SER N   CA   sing N N 277 
SER N   H    sing N N 278 
SER N   H2   sing N N 279 
SER CA  C    sing N N 280 
SER CA  CB   sing N N 281 
SER CA  HA   sing N N 282 
SER C   O    doub N N 283 
SER C   OXT  sing N N 284 
SER CB  OG   sing N N 285 
SER CB  HB2  sing N N 286 
SER CB  HB3  sing N N 287 
SER OG  HG   sing N N 288 
SER OXT HXT  sing N N 289 
THR N   CA   sing N N 290 
THR N   H    sing N N 291 
THR N   H2   sing N N 292 
THR CA  C    sing N N 293 
THR CA  CB   sing N N 294 
THR CA  HA   sing N N 295 
THR C   O    doub N N 296 
THR C   OXT  sing N N 297 
THR CB  OG1  sing N N 298 
THR CB  CG2  sing N N 299 
THR CB  HB   sing N N 300 
THR OG1 HG1  sing N N 301 
THR CG2 HG21 sing N N 302 
THR CG2 HG22 sing N N 303 
THR CG2 HG23 sing N N 304 
THR OXT HXT  sing N N 305 
TRP N   CA   sing N N 306 
TRP N   H    sing N N 307 
TRP N   H2   sing N N 308 
TRP CA  C    sing N N 309 
TRP CA  CB   sing N N 310 
TRP CA  HA   sing N N 311 
TRP C   O    doub N N 312 
TRP C   OXT  sing N N 313 
TRP CB  CG   sing N N 314 
TRP CB  HB2  sing N N 315 
TRP CB  HB3  sing N N 316 
TRP CG  CD1  doub Y N 317 
TRP CG  CD2  sing Y N 318 
TRP CD1 NE1  sing Y N 319 
TRP CD1 HD1  sing N N 320 
TRP CD2 CE2  doub Y N 321 
TRP CD2 CE3  sing Y N 322 
TRP NE1 CE2  sing Y N 323 
TRP NE1 HE1  sing N N 324 
TRP CE2 CZ2  sing Y N 325 
TRP CE3 CZ3  doub Y N 326 
TRP CE3 HE3  sing N N 327 
TRP CZ2 CH2  doub Y N 328 
TRP CZ2 HZ2  sing N N 329 
TRP CZ3 CH2  sing Y N 330 
TRP CZ3 HZ3  sing N N 331 
TRP CH2 HH2  sing N N 332 
TRP OXT HXT  sing N N 333 
TYR N   CA   sing N N 334 
TYR N   H    sing N N 335 
TYR N   H2   sing N N 336 
TYR CA  C    sing N N 337 
TYR CA  CB   sing N N 338 
TYR CA  HA   sing N N 339 
TYR C   O    doub N N 340 
TYR C   OXT  sing N N 341 
TYR CB  CG   sing N N 342 
TYR CB  HB2  sing N N 343 
TYR CB  HB3  sing N N 344 
TYR CG  CD1  doub Y N 345 
TYR CG  CD2  sing Y N 346 
TYR CD1 CE1  sing Y N 347 
TYR CD1 HD1  sing N N 348 
TYR CD2 CE2  doub Y N 349 
TYR CD2 HD2  sing N N 350 
TYR CE1 CZ   doub Y N 351 
TYR CE1 HE1  sing N N 352 
TYR CE2 CZ   sing Y N 353 
TYR CE2 HE2  sing N N 354 
TYR CZ  OH   sing N N 355 
TYR OH  HH   sing N N 356 
TYR OXT HXT  sing N N 357 
VAL N   CA   sing N N 358 
VAL N   H    sing N N 359 
VAL N   H2   sing N N 360 
VAL CA  C    sing N N 361 
VAL CA  CB   sing N N 362 
VAL CA  HA   sing N N 363 
VAL C   O    doub N N 364 
VAL C   OXT  sing N N 365 
VAL CB  CG1  sing N N 366 
VAL CB  CG2  sing N N 367 
VAL CB  HB   sing N N 368 
VAL CG1 HG11 sing N N 369 
VAL CG1 HG12 sing N N 370 
VAL CG1 HG13 sing N N 371 
VAL CG2 HG21 sing N N 372 
VAL CG2 HG22 sing N N 373 
VAL CG2 HG23 sing N N 374 
VAL OXT HXT  sing N N 375 
# 
loop_
_pdbx_entity_nonpoly.entity_id 
_pdbx_entity_nonpoly.name 
_pdbx_entity_nonpoly.comp_id 
2 'ZINC ION'            ZN  
3 'SODIUM ION'          NA  
4 'UNKNOWN ATOM OR ION' UNX 
5 water                 HOH 
# 
_pdbx_initial_refinement_model.id               1 
_pdbx_initial_refinement_model.entity_id_list   ? 
_pdbx_initial_refinement_model.type             'experimental model' 
_pdbx_initial_refinement_model.source_name      PDB 
_pdbx_initial_refinement_model.accession_code   4O62 
_pdbx_initial_refinement_model.details          'PDB entry 4O62' 
# 
